data_8DJK
#
_entry.id   8DJK
#
_cell.length_a   1.00
_cell.length_b   1.00
_cell.length_c   1.00
_cell.angle_alpha   90.00
_cell.angle_beta   90.00
_cell.angle_gamma   90.00
#
_symmetry.space_group_name_H-M   'P 1'
#
loop_
_entity.id
_entity.type
_entity.pdbx_description
1 polymer '3-hydroxy-3-methylglutaryl-coenzyme A reductase'
2 polymer 'UbiA prenyltransferase domain-containing protein 1'
3 polymer 'Soluble cytochrome b562'
4 polymer 'Fab 15B2 Light Chain'
5 polymer 'Fab 15B2 Heavy Chain'
6 non-polymer 'CHOLESTEROL HEMISUCCINATE'
7 non-polymer Digitonin
#
loop_
_entity_poly.entity_id
_entity_poly.type
_entity_poly.pdbx_seq_one_letter_code
_entity_poly.pdbx_strand_id
1 'polypeptide(L)'
;MDYKDDDDKLSRLFRMHGLFVASHPWEVIVGTVTLTICMMSMNMFTGNNKICGWNYECPKFEEDVLSSDIIILTITRCIA
ILYIYFQFQNLRQLGSRYILGIAGLFTIFSSFVFSTVVIHFLDKELTGLNEALPFFLLLIDLSRASALAKFALSSNSQDE
VRENIARGMAILGPTFTLDALVECLVIGVGTMSGVRQLEIMCCFGCMSVLANYFVFMTFFPACVSLVLELSRESREGRPI
WQLSHFARVLEEEENRPNPVTQRVKMIMSLGLVLVHAHSRWIADPSPQNSTTEHSKVSLGLDEDVSKRIEPSVSLWQFYL
SKMISMDIEQVVTLSLAFLLAVKYIFFEQAETESTLSLKNPITS
;
A
2 'polypeptide(L)'
;MASSWRQKCASYVLALRPWSFSASLTPVALGSALAYRSQGVLDPRLLVGCAVAVLAVHGAGNLVSTYYDFSKGIDHKKSD
DRTLVDRILEPQDVVRFGVFLYTLGCVCAACLYYLSTLKLEHLALIYFGGLSGSFLYTGGIGFKYVALGDLIILITFGPL
AVMFAYAVQVGSLAIFPLVYAIPLALSTEAILHSNNTRDMESDQEAGIVTLAILIGPTFSYVLYNTLLFLPYLIFSILAT
HCSISLALPLLTIPMAFSLERQFRSQAFNKLPQRTAKLNLLLGLFYVFGIILAPAGSLPRL
;
B
3 'polypeptide(L)'
;ARRLALEDNWETLNDNLKVIEKADNAAQVKDALTKMRAAALDAQKATPPKLEDKSPDSPEMKDFRHGFDILVGQIDDALK
LANEGKVKEAQAAAEQLKTTRNAYIQKYLERARSTLQKEV
;
C
4 'polypeptide(L)'
;DILLTQSPAILSVSPGERVSFSCRASQSIGTSIHWYQQRTNGSPRLVIKYASESISGIPSRFSGSGSGTDFTLSINSVES
EDIADYYCQQSNSWPYTFGGGTKLEIKRTVAAPSVFIFPPSDEQLKSGTASVVCLLNNFYPREAKVQWKVDNALQSGNSQ
ESVTEQDSKDSTYSLSSTLTLSKADYEKHKVYACEVTHQGLSSPVTKSFNRGEC
;
L
5 'polypeptide(L)'
;EVQLQQSGPELVKPGASVKMSCKASGYSFTGYFMNWVKQSHGKSLEWIGRINPYNGDTFYNQKFKGKATLTVDKSSRTAH
MELRSLTSADSALYFCVRRGEDYGSSYNYWGQGTTVTVSSASTKGPSVFPLAPSSKSTSGGTAALGCLVKDYFPEPVTVS
WNSGALTSGVHTFPAVLQSSGLYSLSSVVTVPSSSLGTQTYICNVNHKPSNTKVDKRVEPKSCDKTHHHHHH
;
H
#
loop_
_chem_comp.id
_chem_comp.type
_chem_comp.name
_chem_comp.formula
AJP non-polymer Digitonin 'C56 H92 O29'
Y01 non-polymer 'CHOLESTEROL HEMISUCCINATE' 'C31 H50 O4'
#
# COMPACT_ATOMS: atom_id res chain seq x y z
N ASP A 8 5.76 -24.67 5.55
CA ASP A 8 6.84 -25.69 5.38
C ASP A 8 6.38 -27.09 4.92
N LYS A 9 5.16 -27.48 5.28
CA LYS A 9 4.60 -28.77 4.87
C LYS A 9 4.33 -28.89 3.37
N LEU A 10 3.66 -27.89 2.80
CA LEU A 10 3.28 -27.89 1.37
C LEU A 10 4.49 -27.79 0.42
N SER A 11 5.46 -26.95 0.79
CA SER A 11 6.68 -26.74 0.00
C SER A 11 7.43 -28.05 -0.32
N ARG A 12 7.49 -28.94 0.68
CA ARG A 12 8.10 -30.27 0.51
C ARG A 12 7.41 -31.09 -0.58
N LEU A 13 6.08 -31.09 -0.54
CA LEU A 13 5.24 -31.79 -1.52
C LEU A 13 5.38 -31.23 -2.95
N PHE A 14 5.38 -29.90 -3.07
CA PHE A 14 5.57 -29.24 -4.38
C PHE A 14 7.00 -29.40 -4.90
N ARG A 15 7.98 -29.37 -4.01
CA ARG A 15 9.38 -29.66 -4.36
C ARG A 15 9.53 -31.09 -4.91
N MET A 16 8.93 -32.06 -4.22
CA MET A 16 8.84 -33.44 -4.69
C MET A 16 8.29 -33.49 -6.12
N HIS A 17 7.12 -32.87 -6.30
CA HIS A 17 6.45 -32.83 -7.61
C HIS A 17 7.33 -32.21 -8.71
N GLY A 18 7.86 -31.02 -8.42
CA GLY A 18 8.76 -30.32 -9.34
C GLY A 18 9.97 -31.15 -9.76
N LEU A 19 10.60 -31.79 -8.77
CA LEU A 19 11.76 -32.66 -9.00
C LEU A 19 11.38 -33.90 -9.83
N PHE A 20 10.30 -34.57 -9.42
CA PHE A 20 9.85 -35.80 -10.11
C PHE A 20 9.37 -35.54 -11.54
N VAL A 21 8.78 -34.37 -11.79
CA VAL A 21 8.40 -33.96 -13.15
C VAL A 21 9.64 -33.63 -13.99
N ALA A 22 10.51 -32.77 -13.45
CA ALA A 22 11.73 -32.35 -14.16
C ALA A 22 12.75 -33.46 -14.41
N SER A 23 12.76 -34.47 -13.54
CA SER A 23 13.68 -35.61 -13.69
C SER A 23 13.41 -36.50 -14.91
N HIS A 24 12.12 -36.66 -15.25
CA HIS A 24 11.68 -37.49 -16.38
C HIS A 24 10.77 -36.67 -17.31
N PRO A 25 11.37 -35.75 -18.10
CA PRO A 25 10.55 -34.83 -18.89
C PRO A 25 9.75 -35.48 -20.02
N TRP A 26 10.44 -36.23 -20.89
CA TRP A 26 9.83 -36.79 -22.10
C TRP A 26 8.65 -37.73 -21.81
N GLU A 27 8.83 -38.61 -20.83
CA GLU A 27 7.80 -39.59 -20.44
C GLU A 27 6.53 -38.90 -19.93
N VAL A 28 6.70 -37.86 -19.12
CA VAL A 28 5.59 -37.08 -18.57
C VAL A 28 4.87 -36.30 -19.69
N ILE A 29 5.63 -35.63 -20.55
CA ILE A 29 5.04 -34.85 -21.66
C ILE A 29 4.29 -35.74 -22.65
N VAL A 30 4.89 -36.88 -23.06
CA VAL A 30 4.21 -37.80 -23.98
C VAL A 30 2.97 -38.45 -23.33
N GLY A 31 3.12 -38.84 -22.07
CA GLY A 31 2.01 -39.40 -21.28
C GLY A 31 0.81 -38.48 -21.16
N THR A 32 1.08 -37.21 -20.87
CA THR A 32 0.03 -36.19 -20.74
C THR A 32 -0.63 -35.83 -22.07
N VAL A 33 0.18 -35.68 -23.12
CA VAL A 33 -0.35 -35.45 -24.47
C VAL A 33 -1.23 -36.64 -24.89
N THR A 34 -0.75 -37.86 -24.63
CA THR A 34 -1.54 -39.08 -24.85
C THR A 34 -2.87 -39.06 -24.09
N LEU A 35 -2.83 -38.66 -22.83
CA LEU A 35 -4.06 -38.54 -22.00
C LEU A 35 -5.07 -37.54 -22.59
N THR A 36 -4.57 -36.41 -23.07
CA THR A 36 -5.40 -35.37 -23.70
C THR A 36 -6.05 -35.87 -24.99
N ILE A 37 -5.25 -36.44 -25.89
CA ILE A 37 -5.77 -37.00 -27.15
C ILE A 37 -6.65 -38.24 -26.94
N CYS A 38 -6.41 -38.97 -25.85
CA CYS A 38 -7.28 -40.07 -25.44
C CYS A 38 -8.65 -39.56 -25.00
N MET A 39 -8.66 -38.56 -24.13
CA MET A 39 -9.89 -37.86 -23.72
C MET A 39 -10.68 -37.32 -24.91
N MET A 40 -9.95 -36.82 -25.91
CA MET A 40 -10.55 -36.35 -27.17
C MET A 40 -11.13 -37.52 -27.98
N SER A 41 -10.27 -38.48 -28.30
CA SER A 41 -10.62 -39.59 -29.20
C SER A 41 -11.63 -40.60 -28.64
N MET A 42 -11.66 -40.78 -27.32
CA MET A 42 -12.59 -41.72 -26.68
C MET A 42 -14.06 -41.31 -26.80
N ASN A 43 -14.31 -40.00 -26.85
CA ASN A 43 -15.69 -39.47 -26.94
C ASN A 43 -16.00 -39.00 -28.35
N SER A 68 -9.75 -31.34 -36.90
CA SER A 68 -8.70 -30.43 -37.34
C SER A 68 -8.92 -28.91 -37.16
N ASP A 69 -10.12 -28.50 -36.70
CA ASP A 69 -10.37 -27.11 -36.30
C ASP A 69 -9.64 -26.71 -35.01
N ILE A 70 -9.28 -27.71 -34.19
CA ILE A 70 -8.48 -27.51 -32.97
C ILE A 70 -7.16 -26.83 -33.31
N ILE A 71 -6.51 -27.29 -34.38
CA ILE A 71 -5.22 -26.74 -34.81
C ILE A 71 -5.37 -25.29 -35.28
N ILE A 72 -6.41 -25.01 -36.06
CA ILE A 72 -6.67 -23.64 -36.57
C ILE A 72 -6.93 -22.66 -35.41
N LEU A 73 -7.78 -23.07 -34.47
CA LEU A 73 -8.09 -22.24 -33.30
C LEU A 73 -6.88 -22.09 -32.37
N THR A 74 -6.12 -23.18 -32.19
CA THR A 74 -4.84 -23.15 -31.44
C THR A 74 -3.89 -22.11 -32.02
N ILE A 75 -3.62 -22.20 -33.33
CA ILE A 75 -2.68 -21.31 -34.02
C ILE A 75 -3.10 -19.83 -33.95
N THR A 76 -4.35 -19.55 -34.29
CA THR A 76 -4.89 -18.17 -34.25
C THR A 76 -4.81 -17.57 -32.85
N ARG A 77 -5.33 -18.33 -31.88
CA ARG A 77 -5.33 -17.93 -30.47
C ARG A 77 -3.91 -17.73 -29.92
N CYS A 78 -3.03 -18.68 -30.23
CA CYS A 78 -1.63 -18.61 -29.83
C CYS A 78 -0.94 -17.36 -30.36
N ILE A 79 -1.02 -17.15 -31.68
CA ILE A 79 -0.40 -16.00 -32.33
C ILE A 79 -0.87 -14.68 -31.70
N ALA A 80 -2.19 -14.51 -31.57
CA ALA A 80 -2.78 -13.29 -31.01
C ALA A 80 -2.34 -13.02 -29.56
N ILE A 81 -2.49 -14.03 -28.71
CA ILE A 81 -2.08 -13.93 -27.28
C ILE A 81 -0.59 -13.69 -27.13
N LEU A 82 0.20 -14.53 -27.79
CA LEU A 82 1.67 -14.40 -27.78
C LEU A 82 2.13 -13.04 -28.33
N TYR A 83 1.43 -12.52 -29.34
CA TYR A 83 1.76 -11.21 -29.93
C TYR A 83 1.50 -10.04 -28.98
N ILE A 84 0.35 -10.04 -28.30
CA ILE A 84 0.04 -8.98 -27.31
C ILE A 84 1.00 -9.02 -26.13
N TYR A 85 1.34 -10.22 -25.66
CA TYR A 85 2.37 -10.39 -24.62
C TYR A 85 3.74 -9.90 -25.10
N PHE A 86 4.15 -10.41 -26.26
CA PHE A 86 5.38 -10.01 -26.98
C PHE A 86 5.52 -8.49 -27.14
N GLN A 87 4.41 -7.79 -27.38
CA GLN A 87 4.40 -6.33 -27.51
C GLN A 87 4.42 -5.61 -26.16
N PHE A 88 3.46 -5.92 -25.31
CA PHE A 88 3.28 -5.22 -24.02
C PHE A 88 4.50 -5.37 -23.11
N GLN A 89 5.09 -6.55 -23.08
CA GLN A 89 6.40 -6.77 -22.48
C GLN A 89 7.47 -6.27 -23.46
N ASN A 90 8.48 -5.56 -22.93
CA ASN A 90 9.52 -4.97 -23.77
C ASN A 90 10.40 -6.04 -24.42
N LEU A 91 10.34 -6.12 -25.75
CA LEU A 91 11.05 -7.15 -26.53
C LEU A 91 12.56 -7.11 -26.28
N ARG A 92 13.09 -8.24 -25.82
CA ARG A 92 14.53 -8.44 -25.65
C ARG A 92 15.17 -7.42 -24.68
N GLN A 93 14.42 -7.06 -23.63
CA GLN A 93 14.90 -6.10 -22.62
C GLN A 93 16.02 -6.69 -21.74
N LEU A 94 15.94 -7.99 -21.47
CA LEU A 94 16.94 -8.71 -20.66
C LEU A 94 18.16 -9.11 -21.49
N GLY A 95 17.93 -9.44 -22.76
CA GLY A 95 18.98 -9.92 -23.66
C GLY A 95 19.02 -11.45 -23.76
N SER A 96 17.84 -12.06 -23.85
CA SER A 96 17.70 -13.51 -24.01
C SER A 96 16.33 -13.86 -24.57
N ARG A 97 16.32 -14.66 -25.65
CA ARG A 97 15.09 -15.07 -26.33
C ARG A 97 14.50 -16.42 -25.86
N TYR A 98 15.28 -17.17 -25.07
CA TYR A 98 14.80 -18.41 -24.44
C TYR A 98 13.52 -18.21 -23.61
N ILE A 99 13.45 -17.09 -22.89
CA ILE A 99 12.25 -16.71 -22.14
C ILE A 99 11.01 -16.65 -23.04
N LEU A 100 11.15 -16.01 -24.21
CA LEU A 100 10.08 -15.94 -25.21
C LEU A 100 9.73 -17.31 -25.80
N GLY A 101 10.76 -18.10 -26.09
CA GLY A 101 10.57 -19.48 -26.55
C GLY A 101 9.80 -20.35 -25.57
N ILE A 102 10.20 -20.28 -24.30
CA ILE A 102 9.51 -21.00 -23.21
C ILE A 102 8.07 -20.50 -23.03
N ALA A 103 7.88 -19.18 -23.07
CA ALA A 103 6.54 -18.58 -23.01
C ALA A 103 5.65 -19.04 -24.16
N GLY A 104 6.24 -19.12 -25.36
CA GLY A 104 5.55 -19.65 -26.54
C GLY A 104 5.14 -21.11 -26.39
N LEU A 105 6.08 -21.93 -25.93
CA LEU A 105 5.80 -23.36 -25.67
C LEU A 105 4.77 -23.59 -24.54
N PHE A 106 4.68 -22.65 -23.60
CA PHE A 106 3.61 -22.68 -22.60
C PHE A 106 2.24 -22.33 -23.23
N THR A 107 2.22 -21.26 -24.02
CA THR A 107 0.98 -20.77 -24.69
C THR A 107 0.37 -21.82 -25.63
N ILE A 108 1.22 -22.49 -26.42
CA ILE A 108 0.77 -23.54 -27.34
C ILE A 108 -0.02 -24.62 -26.59
N PHE A 109 0.57 -25.18 -25.53
CA PHE A 109 -0.06 -26.23 -24.73
C PHE A 109 -1.33 -25.77 -24.01
N SER A 110 -1.29 -24.58 -23.42
CA SER A 110 -2.45 -23.98 -22.76
C SER A 110 -3.62 -23.80 -23.72
N SER A 111 -3.34 -23.19 -24.87
CA SER A 111 -4.33 -22.98 -25.92
C SER A 111 -4.84 -24.27 -26.55
N PHE A 112 -3.93 -25.25 -26.74
CA PHE A 112 -4.30 -26.58 -27.25
C PHE A 112 -5.28 -27.29 -26.32
N VAL A 113 -4.92 -27.39 -25.05
CA VAL A 113 -5.74 -28.03 -24.01
C VAL A 113 -7.10 -27.32 -23.82
N PHE A 114 -7.11 -26.00 -23.93
CA PHE A 114 -8.35 -25.22 -23.88
C PHE A 114 -9.21 -25.47 -25.13
N SER A 115 -8.59 -25.32 -26.30
CA SER A 115 -9.29 -25.44 -27.59
C SER A 115 -9.92 -26.81 -27.81
N THR A 116 -9.17 -27.87 -27.55
CA THR A 116 -9.67 -29.25 -27.73
C THR A 116 -10.98 -29.51 -26.96
N VAL A 117 -11.06 -29.00 -25.74
CA VAL A 117 -12.26 -29.15 -24.90
C VAL A 117 -13.41 -28.31 -25.47
N VAL A 118 -13.13 -27.03 -25.74
CA VAL A 118 -14.12 -26.10 -26.32
C VAL A 118 -14.73 -26.63 -27.63
N ILE A 119 -13.87 -27.08 -28.54
CA ILE A 119 -14.31 -27.58 -29.84
C ILE A 119 -14.99 -28.94 -29.70
N HIS A 120 -14.28 -29.91 -29.15
CA HIS A 120 -14.75 -31.30 -29.11
C HIS A 120 -15.96 -31.53 -28.21
N PHE A 121 -15.94 -30.99 -27.00
CA PHE A 121 -16.90 -31.38 -25.95
C PHE A 121 -18.07 -30.40 -25.74
N LEU A 122 -17.74 -29.16 -25.36
CA LEU A 122 -18.74 -28.18 -24.91
C LEU A 122 -19.71 -27.78 -26.04
N ASP A 123 -19.26 -26.93 -26.95
CA ASP A 123 -20.11 -26.44 -28.05
C ASP A 123 -19.24 -25.63 -29.02
N LYS A 124 -19.28 -25.99 -30.30
CA LYS A 124 -18.47 -25.30 -31.32
C LYS A 124 -19.09 -23.94 -31.63
N GLU A 125 -20.36 -23.97 -32.06
CA GLU A 125 -21.09 -22.76 -32.49
C GLU A 125 -21.17 -21.62 -31.46
N LEU A 126 -21.00 -21.95 -30.17
CA LEU A 126 -21.12 -20.98 -29.08
C LEU A 126 -19.78 -20.39 -28.58
N THR A 127 -18.71 -20.47 -29.38
CA THR A 127 -17.38 -20.01 -28.95
C THR A 127 -16.96 -18.60 -29.41
N GLY A 128 -17.90 -17.81 -29.93
CA GLY A 128 -17.59 -16.54 -30.61
C GLY A 128 -17.84 -15.28 -29.79
N LEU A 129 -16.91 -14.32 -29.86
CA LEU A 129 -17.03 -12.96 -29.26
C LEU A 129 -17.04 -12.84 -27.72
N ASN A 130 -17.16 -13.97 -27.01
CA ASN A 130 -17.09 -14.00 -25.53
C ASN A 130 -15.79 -14.66 -25.04
N GLU A 131 -14.79 -14.72 -25.93
CA GLU A 131 -13.45 -15.19 -25.62
C GLU A 131 -12.57 -13.96 -25.34
N ALA A 132 -12.99 -13.14 -24.37
CA ALA A 132 -12.21 -12.02 -23.86
C ALA A 132 -11.58 -12.40 -22.51
N LEU A 133 -12.33 -13.14 -21.70
CA LEU A 133 -11.84 -13.61 -20.39
C LEU A 133 -10.75 -14.67 -20.53
N PRO A 134 -11.00 -15.79 -21.27
CA PRO A 134 -9.92 -16.76 -21.50
C PRO A 134 -8.67 -16.16 -22.18
N PHE A 135 -8.90 -15.18 -23.04
CA PHE A 135 -7.85 -14.46 -23.74
C PHE A 135 -6.97 -13.63 -22.80
N PHE A 136 -7.58 -13.05 -21.79
CA PHE A 136 -6.92 -12.20 -20.80
C PHE A 136 -6.25 -12.99 -19.65
N LEU A 137 -6.91 -14.06 -19.21
CA LEU A 137 -6.39 -14.92 -18.13
C LEU A 137 -5.04 -15.59 -18.46
N LEU A 138 -4.85 -15.93 -19.73
CA LEU A 138 -3.59 -16.52 -20.19
C LEU A 138 -2.46 -15.48 -20.29
N LEU A 139 -2.78 -14.28 -20.80
CA LEU A 139 -1.86 -13.13 -20.75
C LEU A 139 -1.33 -12.92 -19.33
N ILE A 140 -2.27 -12.99 -18.40
CA ILE A 140 -2.00 -12.91 -16.98
C ILE A 140 -1.15 -14.08 -16.46
N ASP A 141 -1.56 -15.30 -16.75
CA ASP A 141 -0.86 -16.50 -16.26
C ASP A 141 0.52 -16.75 -16.90
N LEU A 142 0.83 -16.04 -17.98
CA LEU A 142 2.16 -16.10 -18.62
C LEU A 142 3.32 -15.60 -17.73
N SER A 143 3.04 -14.63 -16.87
CA SER A 143 4.04 -14.06 -15.96
C SER A 143 4.58 -15.10 -14.96
N ARG A 144 3.66 -15.88 -14.39
CA ARG A 144 4.02 -16.96 -13.46
C ARG A 144 4.74 -18.14 -14.15
N ALA A 145 4.47 -18.32 -15.44
CA ALA A 145 5.21 -19.29 -16.25
C ALA A 145 6.62 -18.78 -16.59
N SER A 146 6.73 -17.49 -16.92
CA SER A 146 8.04 -16.86 -17.18
C SER A 146 8.94 -16.80 -15.94
N ALA A 147 8.33 -16.60 -14.77
CA ALA A 147 9.05 -16.62 -13.49
C ALA A 147 9.83 -17.92 -13.30
N LEU A 148 9.15 -19.04 -13.46
CA LEU A 148 9.77 -20.38 -13.35
C LEU A 148 10.90 -20.60 -14.36
N ALA A 149 10.75 -20.03 -15.56
CA ALA A 149 11.80 -20.05 -16.57
C ALA A 149 13.04 -19.25 -16.13
N LYS A 150 12.80 -18.10 -15.50
CA LYS A 150 13.89 -17.29 -14.91
C LYS A 150 14.59 -18.01 -13.74
N PHE A 151 13.80 -18.67 -12.89
CA PHE A 151 14.34 -19.56 -11.85
C PHE A 151 15.23 -20.65 -12.44
N ALA A 152 14.76 -21.28 -13.52
CA ALA A 152 15.46 -22.37 -14.18
C ALA A 152 16.71 -21.95 -14.98
N LEU A 153 16.63 -20.81 -15.66
CA LEU A 153 17.73 -20.34 -16.53
C LEU A 153 19.01 -19.95 -15.78
N SER A 154 18.90 -19.54 -14.53
CA SER A 154 20.08 -19.16 -13.72
C SER A 154 21.00 -20.33 -13.33
N SER A 155 20.61 -21.56 -13.67
CA SER A 155 21.42 -22.76 -13.44
C SER A 155 22.67 -22.83 -14.32
N ASN A 156 23.55 -23.75 -13.95
CA ASN A 156 24.79 -24.06 -14.69
C ASN A 156 24.89 -25.53 -15.08
N SER A 157 24.61 -26.42 -14.13
CA SER A 157 24.63 -27.89 -14.35
C SER A 157 23.24 -28.53 -14.45
N GLN A 158 23.21 -29.77 -14.91
CA GLN A 158 21.96 -30.50 -15.19
C GLN A 158 21.21 -30.86 -13.89
N ASP A 159 21.96 -31.40 -12.93
CA ASP A 159 21.44 -31.63 -11.57
C ASP A 159 21.02 -30.31 -10.91
N GLU A 160 21.77 -29.24 -11.19
CA GLU A 160 21.46 -27.91 -10.69
C GLU A 160 20.16 -27.34 -11.27
N VAL A 161 19.97 -27.47 -12.59
CA VAL A 161 18.73 -26.98 -13.24
C VAL A 161 17.50 -27.77 -12.78
N ARG A 162 17.66 -29.08 -12.57
CA ARG A 162 16.61 -29.91 -11.98
C ARG A 162 16.24 -29.46 -10.56
N GLU A 163 17.27 -29.18 -9.75
CA GLU A 163 17.09 -28.62 -8.40
C GLU A 163 16.43 -27.23 -8.43
N ASN A 164 16.82 -26.41 -9.40
CA ASN A 164 16.26 -25.05 -9.55
C ASN A 164 14.78 -25.08 -9.94
N ILE A 165 14.42 -25.98 -10.87
CA ILE A 165 13.01 -26.22 -11.21
C ILE A 165 12.22 -26.69 -9.99
N ALA A 166 12.81 -27.59 -9.20
CA ALA A 166 12.19 -28.09 -7.97
C ALA A 166 11.92 -26.97 -6.96
N ARG A 167 12.92 -26.14 -6.71
CA ARG A 167 12.78 -24.99 -5.80
C ARG A 167 11.82 -23.92 -6.34
N GLY A 168 11.89 -23.66 -7.65
CA GLY A 168 10.94 -22.76 -8.31
C GLY A 168 9.50 -23.21 -8.18
N MET A 169 9.28 -24.51 -8.38
CA MET A 169 7.95 -25.13 -8.21
C MET A 169 7.46 -25.04 -6.77
N ALA A 170 8.36 -25.36 -5.83
CA ALA A 170 8.06 -25.28 -4.39
C ALA A 170 7.66 -23.88 -3.92
N ILE A 171 8.28 -22.86 -4.52
CA ILE A 171 7.97 -21.46 -4.20
C ILE A 171 6.67 -21.00 -4.90
N LEU A 172 6.55 -21.28 -6.19
CA LEU A 172 5.40 -20.78 -7.00
C LEU A 172 4.13 -21.64 -6.99
N GLY A 173 4.20 -22.86 -6.45
CA GLY A 173 3.07 -23.80 -6.48
C GLY A 173 1.85 -23.40 -5.64
N PRO A 174 2.02 -23.29 -4.31
CA PRO A 174 0.94 -22.96 -3.37
C PRO A 174 0.14 -21.69 -3.71
N THR A 175 0.85 -20.61 -4.01
CA THR A 175 0.24 -19.32 -4.35
C THR A 175 -0.63 -19.44 -5.61
N PHE A 176 -0.05 -20.02 -6.65
CA PHE A 176 -0.74 -20.25 -7.93
C PHE A 176 -1.95 -21.19 -7.80
N THR A 177 -1.81 -22.23 -6.98
CA THR A 177 -2.93 -23.13 -6.64
C THR A 177 -4.10 -22.36 -6.03
N LEU A 178 -3.79 -21.52 -5.03
CA LEU A 178 -4.80 -20.69 -4.37
C LEU A 178 -5.48 -19.71 -5.31
N ASP A 179 -4.68 -19.07 -6.16
CA ASP A 179 -5.20 -18.12 -7.16
C ASP A 179 -6.17 -18.80 -8.12
N ALA A 180 -5.72 -19.92 -8.70
CA ALA A 180 -6.55 -20.73 -9.61
C ALA A 180 -7.85 -21.21 -8.96
N LEU A 181 -7.75 -21.67 -7.71
CA LEU A 181 -8.92 -22.15 -6.94
C LEU A 181 -9.98 -21.06 -6.75
N VAL A 182 -9.54 -19.91 -6.26
CA VAL A 182 -10.46 -18.77 -6.01
C VAL A 182 -11.07 -18.22 -7.30
N GLU A 183 -10.25 -18.07 -8.34
CA GLU A 183 -10.74 -17.63 -9.66
C GLU A 183 -11.77 -18.60 -10.24
N CYS A 184 -11.47 -19.90 -10.14
CA CYS A 184 -12.40 -20.94 -10.60
C CYS A 184 -13.73 -20.94 -9.83
N LEU A 185 -13.67 -20.68 -8.53
CA LEU A 185 -14.89 -20.64 -7.69
C LEU A 185 -15.74 -19.37 -7.88
N VAL A 186 -15.08 -18.22 -8.07
CA VAL A 186 -15.78 -16.94 -8.34
C VAL A 186 -16.44 -16.96 -9.71
N ILE A 187 -15.66 -17.31 -10.74
CA ILE A 187 -16.19 -17.42 -12.10
C ILE A 187 -17.18 -18.60 -12.16
N GLY A 188 -16.93 -19.64 -11.37
CA GLY A 188 -17.87 -20.75 -11.18
C GLY A 188 -19.23 -20.31 -10.68
N VAL A 189 -19.27 -19.57 -9.57
CA VAL A 189 -20.55 -19.06 -9.01
C VAL A 189 -21.24 -18.07 -9.98
N GLY A 190 -20.46 -17.47 -10.87
CA GLY A 190 -21.00 -16.78 -12.06
C GLY A 190 -21.88 -17.60 -13.00
N THR A 191 -21.71 -18.92 -13.02
CA THR A 191 -22.47 -19.83 -13.89
C THR A 191 -23.85 -20.31 -13.35
N MET A 192 -24.29 -19.76 -12.21
CA MET A 192 -25.58 -20.11 -11.61
C MET A 192 -26.52 -18.90 -11.46
N SER A 193 -26.27 -17.86 -12.26
CA SER A 193 -27.03 -16.61 -12.16
C SER A 193 -28.44 -16.74 -12.75
N GLY A 194 -28.49 -17.23 -13.99
CA GLY A 194 -29.73 -17.33 -14.76
C GLY A 194 -29.60 -16.69 -16.13
N VAL A 195 -28.79 -15.63 -16.20
CA VAL A 195 -28.49 -14.97 -17.48
C VAL A 195 -27.57 -15.87 -18.30
N ARG A 196 -28.01 -16.23 -19.50
CA ARG A 196 -27.36 -17.25 -20.33
C ARG A 196 -25.97 -16.83 -20.82
N GLN A 197 -25.85 -15.59 -21.25
CA GLN A 197 -24.58 -15.05 -21.78
C GLN A 197 -23.48 -15.09 -20.70
N LEU A 198 -23.87 -14.71 -19.48
CA LEU A 198 -22.99 -14.78 -18.32
C LEU A 198 -22.59 -16.22 -17.99
N GLU A 199 -23.57 -17.13 -18.00
CA GLU A 199 -23.32 -18.56 -17.79
C GLU A 199 -22.25 -19.13 -18.73
N ILE A 200 -22.37 -18.80 -20.01
CA ILE A 200 -21.44 -19.28 -21.04
C ILE A 200 -20.05 -18.66 -20.90
N MET A 201 -20.02 -17.34 -20.70
CA MET A 201 -18.75 -16.61 -20.53
C MET A 201 -17.98 -17.10 -19.31
N CYS A 202 -18.71 -17.24 -18.21
CA CYS A 202 -18.14 -17.76 -16.96
C CYS A 202 -17.67 -19.22 -17.10
N CYS A 203 -18.44 -20.05 -17.80
CA CYS A 203 -18.02 -21.42 -18.07
C CYS A 203 -16.67 -21.49 -18.82
N PHE A 204 -16.52 -20.66 -19.85
CA PHE A 204 -15.25 -20.54 -20.58
C PHE A 204 -14.10 -20.05 -19.68
N GLY A 205 -14.41 -19.11 -18.79
CA GLY A 205 -13.45 -18.63 -17.80
C GLY A 205 -12.89 -19.73 -16.91
N CYS A 206 -13.79 -20.57 -16.39
CA CYS A 206 -13.41 -21.71 -15.53
C CYS A 206 -12.55 -22.74 -16.26
N MET A 207 -12.96 -23.09 -17.49
CA MET A 207 -12.17 -24.00 -18.34
C MET A 207 -10.77 -23.48 -18.65
N SER A 208 -10.67 -22.17 -18.91
CA SER A 208 -9.39 -21.51 -19.17
C SER A 208 -8.45 -21.58 -17.97
N VAL A 209 -8.97 -21.27 -16.79
CA VAL A 209 -8.19 -21.33 -15.53
C VAL A 209 -7.66 -22.74 -15.26
N LEU A 210 -8.55 -23.74 -15.34
CA LEU A 210 -8.18 -25.14 -15.11
C LEU A 210 -7.17 -25.67 -16.14
N ALA A 211 -7.31 -25.24 -17.39
CA ALA A 211 -6.35 -25.59 -18.45
C ALA A 211 -4.97 -25.00 -18.19
N ASN A 212 -4.93 -23.73 -17.79
CA ASN A 212 -3.68 -23.04 -17.43
C ASN A 212 -2.94 -23.73 -16.28
N TYR A 213 -3.69 -24.00 -15.21
CA TYR A 213 -3.12 -24.66 -14.02
C TYR A 213 -2.63 -26.09 -14.33
N PHE A 214 -3.46 -26.85 -15.04
CA PHE A 214 -3.10 -28.21 -15.46
C PHE A 214 -1.79 -28.25 -16.28
N VAL A 215 -1.68 -27.35 -17.25
CA VAL A 215 -0.50 -27.25 -18.10
C VAL A 215 0.74 -26.79 -17.32
N PHE A 216 0.57 -25.79 -16.45
CA PHE A 216 1.66 -25.28 -15.61
C PHE A 216 2.23 -26.35 -14.67
N MET A 217 1.35 -27.15 -14.08
CA MET A 217 1.76 -28.18 -13.12
C MET A 217 2.32 -29.43 -13.81
N THR A 218 1.60 -29.93 -14.80
CA THR A 218 1.88 -31.26 -15.37
C THR A 218 3.11 -31.30 -16.29
N PHE A 219 3.03 -30.59 -17.42
CA PHE A 219 4.06 -30.70 -18.50
C PHE A 219 4.58 -29.37 -19.05
N PHE A 220 4.62 -28.35 -18.19
CA PHE A 220 5.42 -27.15 -18.45
C PHE A 220 6.88 -27.30 -17.95
N PRO A 221 7.09 -27.72 -16.68
CA PRO A 221 8.47 -27.93 -16.19
C PRO A 221 9.24 -29.03 -16.95
N ALA A 222 8.52 -30.04 -17.44
CA ALA A 222 9.09 -31.06 -18.32
C ALA A 222 9.62 -30.44 -19.60
N CYS A 223 8.82 -29.55 -20.19
CA CYS A 223 9.20 -28.82 -21.40
C CYS A 223 10.42 -27.91 -21.17
N VAL A 224 10.40 -27.15 -20.06
CA VAL A 224 11.52 -26.28 -19.67
C VAL A 224 12.79 -27.12 -19.50
N SER A 225 12.71 -28.15 -18.66
CA SER A 225 13.84 -29.06 -18.41
C SER A 225 14.39 -29.66 -19.70
N LEU A 226 13.51 -30.13 -20.57
CA LEU A 226 13.92 -30.74 -21.84
C LEU A 226 14.60 -29.75 -22.80
N VAL A 227 14.03 -28.55 -22.92
CA VAL A 227 14.62 -27.46 -23.72
C VAL A 227 16.03 -27.10 -23.22
N LEU A 228 16.17 -26.91 -21.92
CA LEU A 228 17.47 -26.57 -21.31
C LEU A 228 18.46 -27.74 -21.31
N GLU A 229 17.96 -28.97 -21.27
CA GLU A 229 18.82 -30.17 -21.33
C GLU A 229 19.37 -30.42 -22.73
N LEU A 230 18.49 -30.40 -23.74
CA LEU A 230 18.90 -30.71 -25.13
C LEU A 230 19.78 -29.65 -25.81
N SER A 231 19.75 -28.42 -25.30
CA SER A 231 20.61 -27.34 -25.80
C SER A 231 21.91 -27.28 -25.00
N PRO A 239 25.96 -23.40 -22.72
CA PRO A 239 25.24 -23.00 -21.53
C PRO A 239 25.42 -21.50 -21.27
N ILE A 240 24.86 -20.69 -22.17
CA ILE A 240 24.97 -19.22 -22.11
C ILE A 240 23.68 -18.64 -21.50
N TRP A 241 23.54 -18.86 -20.20
CA TRP A 241 22.41 -18.35 -19.41
C TRP A 241 22.95 -17.66 -18.16
N GLN A 242 23.00 -16.33 -18.21
CA GLN A 242 23.67 -15.51 -17.18
C GLN A 242 22.70 -14.52 -16.52
N LEU A 243 21.93 -15.02 -15.55
CA LEU A 243 20.97 -14.21 -14.77
C LEU A 243 20.98 -14.62 -13.29
N SER A 244 22.17 -14.87 -12.76
CA SER A 244 22.33 -15.47 -11.42
C SER A 244 22.13 -14.47 -10.29
N HIS A 245 22.95 -13.43 -10.29
CA HIS A 245 23.01 -12.45 -9.18
C HIS A 245 21.69 -11.72 -8.92
N PHE A 246 21.08 -11.19 -9.99
CA PHE A 246 19.78 -10.49 -9.88
C PHE A 246 18.71 -11.40 -9.32
N ALA A 247 18.59 -12.59 -9.91
CA ALA A 247 17.65 -13.62 -9.44
C ALA A 247 17.87 -13.95 -7.96
N ARG A 248 19.10 -14.34 -7.63
CA ARG A 248 19.43 -14.77 -6.27
C ARG A 248 19.43 -13.68 -5.19
N VAL A 249 19.35 -12.40 -5.59
CA VAL A 249 19.06 -11.32 -4.63
C VAL A 249 17.57 -10.96 -4.53
N LEU A 250 16.85 -10.97 -5.66
CA LEU A 250 15.48 -10.42 -5.72
C LEU A 250 14.32 -11.43 -5.78
N GLU A 251 14.56 -12.67 -6.20
CA GLU A 251 13.44 -13.63 -6.39
C GLU A 251 12.63 -13.90 -5.11
N GLU A 252 13.32 -14.13 -3.99
CA GLU A 252 12.67 -14.44 -2.70
C GLU A 252 12.15 -13.20 -1.93
N GLU A 253 12.30 -12.02 -2.53
CA GLU A 253 11.80 -10.74 -2.01
C GLU A 253 10.72 -10.13 -2.91
N GLU A 254 11.05 -9.98 -4.20
CA GLU A 254 10.13 -9.38 -5.19
C GLU A 254 8.93 -10.26 -5.57
N ASN A 255 9.08 -11.58 -5.51
CA ASN A 255 7.98 -12.52 -5.85
C ASN A 255 6.91 -12.67 -4.74
N ARG A 256 7.15 -12.09 -3.57
CA ARG A 256 6.29 -12.29 -2.41
C ARG A 256 4.96 -11.51 -2.52
N PRO A 257 3.80 -12.21 -2.41
CA PRO A 257 2.51 -11.52 -2.44
C PRO A 257 2.20 -10.70 -1.18
N ASN A 258 0.98 -10.17 -1.09
CA ASN A 258 0.53 -9.38 0.05
C ASN A 258 -0.16 -10.29 1.08
N PRO A 259 0.40 -10.39 2.32
CA PRO A 259 -0.17 -11.31 3.33
C PRO A 259 -1.65 -11.14 3.69
N VAL A 260 -2.20 -9.93 3.51
CA VAL A 260 -3.63 -9.68 3.76
C VAL A 260 -4.48 -10.34 2.66
N THR A 261 -4.06 -10.12 1.41
CA THR A 261 -4.75 -10.68 0.23
C THR A 261 -4.91 -12.21 0.30
N GLN A 262 -3.83 -12.89 0.71
CA GLN A 262 -3.81 -14.35 0.78
C GLN A 262 -4.83 -14.89 1.79
N ARG A 263 -4.88 -14.28 2.97
CA ARG A 263 -5.88 -14.63 3.99
C ARG A 263 -7.31 -14.37 3.53
N VAL A 264 -7.54 -13.21 2.91
CA VAL A 264 -8.86 -12.87 2.34
C VAL A 264 -9.27 -13.88 1.24
N LYS A 265 -8.30 -14.27 0.40
CA LYS A 265 -8.53 -15.30 -0.63
C LYS A 265 -8.93 -16.67 -0.04
N MET A 266 -8.28 -17.06 1.06
CA MET A 266 -8.64 -18.29 1.79
C MET A 266 -10.06 -18.25 2.37
N ILE A 267 -10.46 -17.08 2.89
CA ILE A 267 -11.82 -16.88 3.40
C ILE A 267 -12.85 -16.85 2.25
N MET A 268 -12.49 -16.19 1.15
CA MET A 268 -13.31 -16.21 -0.09
C MET A 268 -13.52 -17.65 -0.58
N SER A 269 -12.41 -18.38 -0.70
CA SER A 269 -12.43 -19.80 -1.11
C SER A 269 -13.38 -20.62 -0.26
N LEU A 270 -13.25 -20.50 1.07
CA LEU A 270 -14.12 -21.22 2.01
C LEU A 270 -15.60 -20.84 1.86
N GLY A 271 -15.86 -19.54 1.79
CA GLY A 271 -17.22 -19.02 1.56
C GLY A 271 -17.86 -19.52 0.27
N LEU A 272 -17.08 -19.49 -0.82
CA LEU A 272 -17.57 -19.95 -2.12
C LEU A 272 -17.82 -21.46 -2.19
N VAL A 273 -16.97 -22.24 -1.53
CA VAL A 273 -17.19 -23.69 -1.36
C VAL A 273 -18.54 -23.97 -0.66
N LEU A 274 -18.85 -23.20 0.37
CA LEU A 274 -20.16 -23.32 1.05
C LEU A 274 -21.33 -22.91 0.14
N VAL A 275 -21.19 -21.79 -0.55
CA VAL A 275 -22.18 -21.34 -1.55
C VAL A 275 -22.44 -22.43 -2.59
N HIS A 276 -21.37 -22.92 -3.21
CA HIS A 276 -21.46 -23.96 -4.26
C HIS A 276 -22.09 -25.26 -3.77
N ALA A 277 -21.61 -25.76 -2.63
CA ALA A 277 -22.15 -26.98 -2.02
C ALA A 277 -23.66 -26.88 -1.78
N HIS A 278 -24.07 -25.80 -1.13
CA HIS A 278 -25.49 -25.53 -0.85
C HIS A 278 -26.30 -25.40 -2.15
N SER A 279 -25.87 -24.46 -3.00
CA SER A 279 -26.58 -24.13 -4.24
C SER A 279 -26.72 -25.27 -5.26
N ARG A 280 -25.80 -26.22 -5.24
CA ARG A 280 -25.85 -27.38 -6.16
C ARG A 280 -26.52 -28.61 -5.58
N TRP A 281 -26.34 -28.88 -4.29
CA TRP A 281 -26.88 -30.09 -3.67
C TRP A 281 -28.21 -29.88 -2.92
N ILE A 282 -28.30 -28.81 -2.12
CA ILE A 282 -29.47 -28.57 -1.26
C ILE A 282 -30.59 -27.75 -1.93
N ALA A 283 -30.23 -26.96 -2.95
CA ALA A 283 -31.21 -26.12 -3.67
C ALA A 283 -32.17 -26.98 -4.49
N SER B 4 -7.60 -0.10 26.53
CA SER B 4 -9.07 0.13 26.45
C SER B 4 -9.53 0.37 25.00
N TRP B 5 -10.83 0.59 24.81
CA TRP B 5 -11.44 0.78 23.49
C TRP B 5 -10.89 2.04 22.78
N ARG B 6 -10.71 3.11 23.55
CA ARG B 6 -10.17 4.37 23.05
C ARG B 6 -8.68 4.25 22.66
N GLN B 7 -7.96 3.34 23.32
CA GLN B 7 -6.56 3.04 22.97
C GLN B 7 -6.41 2.18 21.69
N LYS B 8 -7.48 1.50 21.28
CA LYS B 8 -7.52 0.76 20.00
C LYS B 8 -8.37 1.41 18.89
N CYS B 9 -9.10 2.48 19.22
CA CYS B 9 -9.75 3.33 18.20
C CYS B 9 -8.74 3.88 17.17
N ALA B 10 -7.52 4.17 17.64
CA ALA B 10 -6.38 4.53 16.79
C ALA B 10 -5.98 3.40 15.84
N SER B 11 -6.03 2.16 16.33
CA SER B 11 -5.82 0.98 15.48
C SER B 11 -6.95 0.80 14.47
N TYR B 12 -8.18 1.09 14.88
CA TYR B 12 -9.36 0.98 13.99
C TYR B 12 -9.48 2.07 12.92
N VAL B 13 -8.97 3.28 13.20
CA VAL B 13 -8.95 4.38 12.20
C VAL B 13 -7.90 4.15 11.07
N LEU B 14 -7.05 3.14 11.23
CA LEU B 14 -6.05 2.76 10.22
C LEU B 14 -6.64 2.27 8.89
N ALA B 15 -7.83 1.67 8.95
CA ALA B 15 -8.52 1.12 7.77
C ALA B 15 -9.46 2.11 7.05
N LEU B 16 -9.43 3.39 7.42
CA LEU B 16 -10.23 4.43 6.76
C LEU B 16 -9.39 5.39 5.92
N ARG B 17 -10.09 6.13 5.06
CA ARG B 17 -9.50 7.10 4.12
C ARG B 17 -10.48 8.28 4.01
N PRO B 18 -10.03 9.44 3.47
CA PRO B 18 -10.95 10.59 3.30
C PRO B 18 -12.16 10.35 2.37
N TRP B 19 -12.04 9.39 1.45
CA TRP B 19 -13.13 9.01 0.53
C TRP B 19 -13.93 7.77 0.99
N SER B 20 -13.86 7.42 2.27
CA SER B 20 -14.46 6.19 2.78
C SER B 20 -15.97 6.29 3.00
N PHE B 21 -16.37 7.32 3.74
CA PHE B 21 -17.79 7.57 4.05
C PHE B 21 -18.64 7.62 2.77
N SER B 22 -18.18 8.42 1.81
CA SER B 22 -18.83 8.59 0.52
C SER B 22 -18.95 7.25 -0.21
N ALA B 23 -17.80 6.66 -0.56
CA ALA B 23 -17.72 5.45 -1.39
C ALA B 23 -18.38 4.21 -0.80
N SER B 24 -18.39 4.09 0.52
CA SER B 24 -18.98 2.94 1.21
C SER B 24 -20.42 3.16 1.66
N LEU B 25 -20.68 4.30 2.30
CA LEU B 25 -21.96 4.53 2.99
C LEU B 25 -23.03 5.35 2.23
N THR B 26 -22.61 6.19 1.27
CA THR B 26 -23.59 6.94 0.44
C THR B 26 -24.37 6.05 -0.53
N PRO B 27 -23.67 5.14 -1.27
CA PRO B 27 -24.35 4.14 -2.10
C PRO B 27 -25.46 3.35 -1.43
N VAL B 28 -25.23 2.94 -0.19
CA VAL B 28 -26.21 2.14 0.58
C VAL B 28 -27.51 2.92 0.80
N ALA B 29 -27.38 4.19 1.21
CA ALA B 29 -28.53 5.08 1.41
C ALA B 29 -29.28 5.35 0.10
N LEU B 30 -28.52 5.56 -0.98
CA LEU B 30 -29.09 5.73 -2.32
C LEU B 30 -29.86 4.49 -2.77
N GLY B 31 -29.23 3.33 -2.61
CA GLY B 31 -29.84 2.03 -2.94
C GLY B 31 -31.14 1.77 -2.22
N SER B 32 -31.16 2.07 -0.92
CA SER B 32 -32.37 1.93 -0.10
C SER B 32 -33.45 2.95 -0.47
N ALA B 33 -33.04 4.16 -0.85
CA ALA B 33 -33.97 5.17 -1.38
C ALA B 33 -34.64 4.72 -2.68
N LEU B 34 -33.84 4.15 -3.58
CA LEU B 34 -34.35 3.56 -4.84
C LEU B 34 -35.30 2.39 -4.59
N ALA B 35 -34.91 1.51 -3.66
CA ALA B 35 -35.76 0.39 -3.23
C ALA B 35 -37.09 0.87 -2.64
N TYR B 36 -37.04 1.93 -1.83
CA TYR B 36 -38.25 2.56 -1.27
C TYR B 36 -39.15 3.13 -2.36
N ARG B 37 -38.57 3.88 -3.30
CA ARG B 37 -39.31 4.44 -4.44
C ARG B 37 -39.94 3.37 -5.33
N SER B 38 -39.19 2.29 -5.58
CA SER B 38 -39.65 1.21 -6.44
C SER B 38 -40.78 0.38 -5.80
N GLN B 39 -40.54 -0.09 -4.57
CA GLN B 39 -41.44 -1.04 -3.91
C GLN B 39 -42.38 -0.45 -2.85
N GLY B 40 -41.93 0.57 -2.12
CA GLY B 40 -42.76 1.25 -1.10
C GLY B 40 -42.65 0.71 0.32
N VAL B 41 -41.74 -0.24 0.55
CA VAL B 41 -41.47 -0.78 1.88
C VAL B 41 -39.95 -0.86 2.08
N LEU B 42 -39.46 -0.20 3.13
CA LEU B 42 -38.04 -0.25 3.51
C LEU B 42 -37.88 -1.00 4.83
N ASP B 43 -36.74 -1.69 4.95
CA ASP B 43 -36.43 -2.52 6.13
C ASP B 43 -35.17 -1.96 6.80
N PRO B 44 -35.24 -1.60 8.10
CA PRO B 44 -34.03 -1.13 8.81
C PRO B 44 -32.92 -2.18 8.99
N ARG B 45 -33.32 -3.42 9.28
CA ARG B 45 -32.38 -4.51 9.60
C ARG B 45 -31.42 -4.77 8.43
N LEU B 46 -31.99 -4.92 7.24
CA LEU B 46 -31.23 -5.11 6.01
C LEU B 46 -30.36 -3.89 5.66
N LEU B 47 -30.87 -2.69 5.96
CA LEU B 47 -30.14 -1.44 5.74
C LEU B 47 -28.86 -1.35 6.58
N VAL B 48 -28.97 -1.68 7.87
CA VAL B 48 -27.81 -1.71 8.76
C VAL B 48 -26.84 -2.81 8.32
N GLY B 49 -27.37 -3.98 7.96
CA GLY B 49 -26.55 -5.10 7.49
C GLY B 49 -25.74 -4.79 6.23
N CYS B 50 -26.40 -4.20 5.24
CA CYS B 50 -25.73 -3.75 4.00
C CYS B 50 -24.67 -2.69 4.28
N ALA B 51 -24.98 -1.75 5.18
CA ALA B 51 -24.04 -0.69 5.57
C ALA B 51 -22.75 -1.26 6.17
N VAL B 52 -22.91 -2.17 7.14
CA VAL B 52 -21.77 -2.80 7.82
C VAL B 52 -20.95 -3.70 6.87
N ALA B 53 -21.64 -4.49 6.04
CA ALA B 53 -21.00 -5.39 5.08
C ALA B 53 -20.12 -4.65 4.07
N VAL B 54 -20.67 -3.59 3.47
CA VAL B 54 -19.94 -2.76 2.50
C VAL B 54 -18.76 -2.02 3.17
N LEU B 55 -19.01 -1.48 4.37
CA LEU B 55 -17.98 -0.76 5.13
C LEU B 55 -16.82 -1.68 5.56
N ALA B 56 -17.16 -2.91 5.95
CA ALA B 56 -16.16 -3.92 6.35
C ALA B 56 -15.25 -4.34 5.18
N VAL B 57 -15.85 -4.65 4.03
CA VAL B 57 -15.10 -5.02 2.82
C VAL B 57 -14.17 -3.89 2.36
N HIS B 58 -14.68 -2.66 2.37
CA HIS B 58 -13.86 -1.49 2.04
C HIS B 58 -12.67 -1.32 2.99
N GLY B 59 -12.92 -1.53 4.28
CA GLY B 59 -11.85 -1.49 5.31
C GLY B 59 -10.76 -2.53 5.10
N ALA B 60 -11.18 -3.76 4.76
CA ALA B 60 -10.24 -4.85 4.44
C ALA B 60 -9.32 -4.48 3.27
N GLY B 61 -9.90 -3.89 2.23
CA GLY B 61 -9.14 -3.40 1.07
C GLY B 61 -8.18 -2.26 1.38
N ASN B 62 -8.59 -1.35 2.26
CA ASN B 62 -7.73 -0.27 2.74
C ASN B 62 -6.52 -0.80 3.53
N LEU B 63 -6.73 -1.89 4.27
CA LEU B 63 -5.63 -2.56 4.98
C LEU B 63 -4.68 -3.32 4.04
N VAL B 64 -5.22 -3.86 2.95
CA VAL B 64 -4.39 -4.43 1.87
C VAL B 64 -3.42 -3.37 1.33
N SER B 65 -3.90 -2.12 1.21
CA SER B 65 -3.06 -0.98 0.83
C SER B 65 -2.14 -0.50 1.95
N THR B 66 -2.66 -0.42 3.18
CA THR B 66 -1.89 0.03 4.37
C THR B 66 -0.63 -0.79 4.60
N TYR B 67 -0.72 -2.10 4.37
CA TYR B 67 0.43 -3.00 4.48
C TYR B 67 1.60 -2.62 3.57
N TYR B 68 1.33 -1.83 2.52
CA TYR B 68 2.37 -1.37 1.61
C TYR B 68 3.16 -0.16 2.10
N ASP B 69 2.82 0.35 3.28
CA ASP B 69 3.57 1.42 3.91
C ASP B 69 4.60 0.90 4.92
N PHE B 70 4.94 -0.39 4.84
CA PHE B 70 6.04 -0.97 5.62
C PHE B 70 7.33 -1.13 4.82
N SER B 71 7.25 -0.89 3.51
CA SER B 71 8.42 -0.90 2.62
C SER B 71 9.38 0.24 2.96
N LYS B 72 8.79 1.41 3.21
CA LYS B 72 9.50 2.59 3.71
C LYS B 72 8.73 3.08 4.93
N GLY B 73 9.38 3.91 5.74
CA GLY B 73 8.82 4.36 7.03
C GLY B 73 7.86 5.51 6.84
N ILE B 74 6.75 5.22 6.16
CA ILE B 74 5.73 6.22 5.82
C ILE B 74 4.91 6.53 7.07
N ASP B 75 4.67 5.49 7.88
CA ASP B 75 4.05 5.61 9.21
C ASP B 75 4.69 6.68 10.11
N VAL B 85 -1.80 6.77 14.38
CA VAL B 85 -1.58 5.81 15.46
C VAL B 85 -0.53 6.31 16.46
N ASP B 86 -0.84 6.18 17.75
CA ASP B 86 0.07 6.59 18.84
C ASP B 86 0.69 5.35 19.54
N ARG B 87 1.05 4.36 18.73
CA ARG B 87 1.61 3.09 19.21
C ARG B 87 2.57 2.53 18.16
N ILE B 88 3.29 1.47 18.54
CA ILE B 88 4.21 0.78 17.64
C ILE B 88 3.43 -0.28 16.85
N LEU B 89 3.36 -0.10 15.53
CA LEU B 89 2.67 -1.02 14.62
C LEU B 89 3.68 -1.88 13.87
N GLU B 90 3.27 -3.10 13.52
CA GLU B 90 4.11 -4.03 12.76
C GLU B 90 3.20 -5.09 12.06
N PRO B 91 3.72 -5.82 11.04
CA PRO B 91 2.86 -6.51 10.05
C PRO B 91 2.03 -7.75 10.50
N GLN B 92 1.76 -7.87 11.79
CA GLN B 92 0.79 -8.84 12.31
C GLN B 92 -0.55 -8.18 12.65
N ASP B 93 -0.49 -6.96 13.21
CA ASP B 93 -1.66 -6.22 13.64
C ASP B 93 -2.56 -5.77 12.47
N VAL B 94 -1.96 -5.59 11.29
CA VAL B 94 -2.68 -5.26 10.06
C VAL B 94 -3.37 -6.50 9.48
N VAL B 95 -2.63 -7.62 9.41
CA VAL B 95 -3.14 -8.89 8.88
C VAL B 95 -4.33 -9.37 9.70
N ARG B 96 -4.19 -9.37 11.03
CA ARG B 96 -5.26 -9.79 11.94
C ARG B 96 -6.54 -8.96 11.76
N PHE B 97 -6.37 -7.65 11.63
CA PHE B 97 -7.50 -6.72 11.46
C PHE B 97 -8.18 -6.88 10.08
N GLY B 98 -7.38 -7.13 9.04
CA GLY B 98 -7.90 -7.44 7.71
C GLY B 98 -8.78 -8.68 7.69
N VAL B 99 -8.27 -9.75 8.31
CA VAL B 99 -9.02 -11.01 8.49
C VAL B 99 -10.30 -10.81 9.27
N PHE B 100 -10.22 -10.07 10.38
CA PHE B 100 -11.38 -9.80 11.23
C PHE B 100 -12.47 -9.01 10.49
N LEU B 101 -12.06 -7.96 9.78
CA LEU B 101 -13.01 -7.15 9.01
C LEU B 101 -13.72 -7.96 7.91
N TYR B 102 -12.95 -8.73 7.13
CA TYR B 102 -13.54 -9.50 6.04
C TYR B 102 -14.48 -10.60 6.53
N THR B 103 -14.08 -11.28 7.62
CA THR B 103 -14.94 -12.27 8.29
C THR B 103 -16.24 -11.64 8.79
N LEU B 104 -16.16 -10.44 9.36
CA LEU B 104 -17.34 -9.67 9.76
C LEU B 104 -18.26 -9.38 8.56
N GLY B 105 -17.65 -9.02 7.43
CA GLY B 105 -18.37 -8.82 6.17
C GLY B 105 -19.15 -10.06 5.73
N CYS B 106 -18.46 -11.20 5.69
CA CYS B 106 -19.07 -12.48 5.29
C CYS B 106 -20.19 -12.94 6.23
N VAL B 107 -20.01 -12.74 7.53
CA VAL B 107 -21.05 -13.05 8.52
C VAL B 107 -22.27 -12.15 8.33
N CYS B 108 -22.04 -10.87 8.05
CA CYS B 108 -23.13 -9.93 7.73
C CYS B 108 -23.90 -10.33 6.47
N ALA B 109 -23.15 -10.72 5.43
CA ALA B 109 -23.74 -11.20 4.16
C ALA B 109 -24.60 -12.46 4.35
N ALA B 110 -24.12 -13.38 5.17
CA ALA B 110 -24.87 -14.58 5.55
C ALA B 110 -26.18 -14.26 6.29
N CYS B 111 -26.09 -13.30 7.22
CA CYS B 111 -27.28 -12.79 7.93
C CYS B 111 -28.27 -12.16 6.94
N LEU B 112 -27.75 -11.33 6.03
CA LEU B 112 -28.59 -10.69 5.01
C LEU B 112 -29.31 -11.69 4.10
N TYR B 113 -28.62 -12.78 3.74
CA TYR B 113 -29.26 -13.89 3.01
C TYR B 113 -30.43 -14.46 3.79
N TYR B 114 -30.17 -14.80 5.05
CA TYR B 114 -31.19 -15.39 5.94
C TYR B 114 -32.42 -14.49 6.11
N LEU B 115 -32.19 -13.18 6.25
CA LEU B 115 -33.28 -12.21 6.47
C LEU B 115 -34.00 -11.80 5.19
N SER B 116 -33.25 -11.51 4.13
CA SER B 116 -33.82 -11.05 2.85
C SER B 116 -34.42 -12.20 2.03
N THR B 117 -35.05 -11.84 0.91
CA THR B 117 -35.66 -12.81 -0.03
C THR B 117 -34.92 -12.89 -1.38
N LEU B 118 -33.61 -12.60 -1.37
CA LEU B 118 -32.76 -12.73 -2.56
C LEU B 118 -32.18 -14.14 -2.64
N LYS B 119 -31.94 -14.61 -3.86
CA LYS B 119 -31.32 -15.91 -4.08
C LYS B 119 -29.84 -15.88 -3.70
N LEU B 120 -29.37 -16.98 -3.09
CA LEU B 120 -27.97 -17.12 -2.65
C LEU B 120 -26.95 -16.92 -3.78
N GLU B 121 -27.30 -17.39 -4.98
CA GLU B 121 -26.44 -17.29 -6.16
C GLU B 121 -26.19 -15.84 -6.57
N HIS B 122 -27.27 -15.05 -6.64
CA HIS B 122 -27.19 -13.63 -6.99
C HIS B 122 -26.44 -12.82 -5.92
N LEU B 123 -26.75 -13.10 -4.66
CA LEU B 123 -26.08 -12.48 -3.52
C LEU B 123 -24.59 -12.78 -3.50
N ALA B 124 -24.25 -14.06 -3.69
CA ALA B 124 -22.85 -14.50 -3.80
C ALA B 124 -22.16 -13.87 -5.01
N LEU B 125 -22.85 -13.83 -6.15
CA LEU B 125 -22.34 -13.18 -7.37
C LEU B 125 -21.92 -11.73 -7.13
N ILE B 126 -22.82 -10.94 -6.54
CA ILE B 126 -22.58 -9.52 -6.28
C ILE B 126 -21.47 -9.34 -5.24
N TYR B 127 -21.64 -10.03 -4.10
CA TYR B 127 -20.74 -9.87 -2.96
C TYR B 127 -19.32 -10.40 -3.21
N PHE B 128 -19.19 -11.53 -3.88
CA PHE B 128 -17.87 -12.11 -4.20
C PHE B 128 -17.30 -11.70 -5.58
N GLY B 129 -18.17 -11.22 -6.47
CA GLY B 129 -17.71 -10.69 -7.77
C GLY B 129 -17.30 -9.24 -7.68
N GLY B 130 -18.24 -8.39 -7.29
CA GLY B 130 -18.06 -6.93 -7.32
C GLY B 130 -17.32 -6.34 -6.15
N LEU B 131 -17.90 -6.50 -4.95
CA LEU B 131 -17.36 -5.90 -3.72
C LEU B 131 -16.00 -6.50 -3.31
N SER B 132 -15.87 -7.82 -3.41
CA SER B 132 -14.64 -8.54 -3.08
C SER B 132 -13.76 -8.91 -4.30
N GLY B 133 -14.06 -8.33 -5.46
CA GLY B 133 -13.26 -8.53 -6.68
C GLY B 133 -11.91 -7.84 -6.69
N SER B 134 -11.77 -6.77 -5.91
CA SER B 134 -10.52 -6.02 -5.78
C SER B 134 -9.34 -6.88 -5.31
N PHE B 135 -9.63 -7.81 -4.41
CA PHE B 135 -8.63 -8.71 -3.82
C PHE B 135 -7.99 -9.65 -4.84
N LEU B 136 -8.71 -9.97 -5.91
CA LEU B 136 -8.21 -10.86 -6.95
C LEU B 136 -7.02 -10.30 -7.74
N TYR B 137 -7.03 -8.99 -8.04
CA TYR B 137 -5.89 -8.36 -8.74
C TYR B 137 -4.95 -7.54 -7.86
N THR B 138 -5.51 -6.78 -6.93
CA THR B 138 -4.71 -6.06 -5.96
C THR B 138 -3.98 -7.07 -5.07
N GLY B 139 -2.75 -6.73 -4.71
CA GLY B 139 -1.85 -7.67 -4.03
C GLY B 139 -1.00 -8.35 -5.08
N GLY B 140 0.29 -8.05 -5.06
CA GLY B 140 1.20 -8.46 -6.13
C GLY B 140 1.13 -7.53 -7.35
N ILE B 141 0.69 -6.29 -7.17
CA ILE B 141 0.86 -5.25 -8.19
C ILE B 141 2.03 -4.32 -7.84
N GLY B 142 2.68 -4.59 -6.71
CA GLY B 142 3.77 -3.76 -6.21
C GLY B 142 3.26 -2.64 -5.33
N PHE B 143 4.21 -1.93 -4.72
CA PHE B 143 3.93 -0.82 -3.81
C PHE B 143 3.83 0.55 -4.55
N LYS B 144 4.41 0.63 -5.74
CA LYS B 144 4.42 1.88 -6.54
C LYS B 144 3.04 2.17 -7.13
N TYR B 145 2.39 1.13 -7.68
CA TYR B 145 1.13 1.27 -8.42
C TYR B 145 -0.13 1.00 -7.57
N VAL B 146 -0.05 1.23 -6.26
CA VAL B 146 -1.18 1.02 -5.35
C VAL B 146 -2.26 2.11 -5.55
N ALA B 147 -1.83 3.33 -5.85
CA ALA B 147 -2.73 4.45 -6.13
C ALA B 147 -3.41 4.35 -7.50
N LEU B 148 -2.72 3.79 -8.49
CA LEU B 148 -3.29 3.58 -9.84
C LEU B 148 -4.39 2.52 -9.86
N GLY B 149 -4.20 1.45 -9.09
CA GLY B 149 -5.23 0.42 -8.90
C GLY B 149 -6.49 0.87 -8.15
N ASP B 150 -6.36 1.95 -7.38
CA ASP B 150 -7.47 2.50 -6.58
C ASP B 150 -8.58 3.13 -7.42
N LEU B 151 -8.23 3.71 -8.57
CA LEU B 151 -9.21 4.33 -9.48
C LEU B 151 -10.26 3.32 -9.95
N ILE B 152 -9.77 2.17 -10.41
CA ILE B 152 -10.61 1.08 -10.92
C ILE B 152 -11.52 0.54 -9.79
N ILE B 153 -10.95 0.44 -8.59
CA ILE B 153 -11.71 0.02 -7.40
C ILE B 153 -12.86 1.00 -7.16
N LEU B 154 -12.54 2.29 -7.04
CA LEU B 154 -13.57 3.32 -6.78
C LEU B 154 -14.56 3.56 -7.92
N ILE B 155 -14.17 3.22 -9.16
CA ILE B 155 -15.14 3.19 -10.27
C ILE B 155 -16.14 2.04 -10.09
N THR B 156 -15.63 0.85 -9.79
CA THR B 156 -16.46 -0.37 -9.69
C THR B 156 -16.96 -0.73 -8.26
N PHE B 157 -16.76 0.15 -7.28
CA PHE B 157 -17.26 -0.07 -5.91
C PHE B 157 -18.49 0.78 -5.59
N GLY B 158 -18.57 1.98 -6.18
CA GLY B 158 -19.69 2.89 -5.98
C GLY B 158 -21.03 2.33 -6.44
N PRO B 159 -21.16 2.02 -7.75
CA PRO B 159 -22.41 1.45 -8.29
C PRO B 159 -22.80 0.08 -7.72
N LEU B 160 -21.81 -0.80 -7.54
CA LEU B 160 -22.05 -2.15 -7.03
C LEU B 160 -22.60 -2.20 -5.60
N ALA B 161 -22.16 -1.26 -4.76
CA ALA B 161 -22.72 -1.08 -3.41
C ALA B 161 -24.19 -0.65 -3.44
N VAL B 162 -24.54 0.23 -4.39
CA VAL B 162 -25.93 0.70 -4.57
C VAL B 162 -26.81 -0.48 -4.94
N MET B 163 -26.38 -1.20 -5.97
CA MET B 163 -27.11 -2.36 -6.46
C MET B 163 -27.17 -3.51 -5.45
N PHE B 164 -26.09 -3.74 -4.73
CA PHE B 164 -26.07 -4.74 -3.64
C PHE B 164 -27.16 -4.41 -2.61
N ALA B 165 -27.16 -3.17 -2.14
CA ALA B 165 -28.17 -2.68 -1.20
C ALA B 165 -29.60 -2.74 -1.77
N TYR B 166 -29.75 -2.32 -3.02
CA TYR B 166 -31.05 -2.34 -3.72
C TYR B 166 -31.60 -3.77 -3.87
N ALA B 167 -30.77 -4.67 -4.37
CA ALA B 167 -31.13 -6.07 -4.60
C ALA B 167 -31.53 -6.80 -3.32
N VAL B 168 -30.69 -6.65 -2.28
CA VAL B 168 -31.00 -7.19 -0.94
C VAL B 168 -32.33 -6.63 -0.39
N GLN B 169 -32.59 -5.35 -0.63
CA GLN B 169 -33.83 -4.71 -0.16
C GLN B 169 -35.08 -5.21 -0.89
N VAL B 170 -35.05 -5.12 -2.21
CA VAL B 170 -36.20 -5.49 -3.05
C VAL B 170 -36.41 -7.02 -3.12
N GLY B 171 -35.33 -7.74 -3.42
CA GLY B 171 -35.38 -9.21 -3.59
C GLY B 171 -35.13 -9.72 -5.01
N SER B 172 -34.76 -8.83 -5.92
CA SER B 172 -34.37 -9.20 -7.29
C SER B 172 -33.39 -8.17 -7.84
N LEU B 173 -32.48 -8.62 -8.70
CA LEU B 173 -31.46 -7.76 -9.28
C LEU B 173 -32.02 -6.80 -10.33
N ALA B 174 -31.25 -5.74 -10.61
CA ALA B 174 -31.62 -4.75 -11.62
C ALA B 174 -30.42 -3.94 -12.11
N ILE B 175 -30.56 -3.41 -13.32
CA ILE B 175 -29.46 -2.74 -14.05
C ILE B 175 -29.41 -1.22 -13.81
N PHE B 176 -30.57 -0.58 -13.65
CA PHE B 176 -30.65 0.89 -13.53
C PHE B 176 -29.91 1.54 -12.33
N PRO B 177 -29.83 0.85 -11.17
CA PRO B 177 -29.03 1.44 -10.07
C PRO B 177 -27.58 1.80 -10.42
N LEU B 178 -26.95 1.01 -11.31
CA LEU B 178 -25.63 1.37 -11.87
C LEU B 178 -25.66 2.69 -12.64
N VAL B 179 -26.76 2.93 -13.35
CA VAL B 179 -26.95 4.18 -14.10
C VAL B 179 -27.22 5.37 -13.17
N TYR B 180 -28.05 5.17 -12.13
CA TYR B 180 -28.29 6.22 -11.12
C TYR B 180 -27.08 6.54 -10.23
N ALA B 181 -26.15 5.58 -10.11
CA ALA B 181 -24.96 5.72 -9.25
C ALA B 181 -23.68 6.20 -9.94
N ILE B 182 -23.81 6.88 -11.09
CA ILE B 182 -22.65 7.48 -11.78
C ILE B 182 -22.09 8.73 -11.07
N PRO B 183 -22.96 9.71 -10.70
CA PRO B 183 -22.47 10.93 -10.03
C PRO B 183 -21.62 10.71 -8.77
N LEU B 184 -22.00 9.72 -7.98
CA LEU B 184 -21.30 9.37 -6.74
C LEU B 184 -19.90 8.82 -7.03
N ALA B 185 -19.81 7.95 -8.03
CA ALA B 185 -18.53 7.42 -8.51
C ALA B 185 -17.60 8.53 -9.02
N LEU B 186 -18.17 9.49 -9.74
CA LEU B 186 -17.40 10.63 -10.26
C LEU B 186 -16.90 11.57 -9.16
N SER B 187 -17.77 11.92 -8.22
CA SER B 187 -17.39 12.77 -7.08
C SER B 187 -16.36 12.10 -6.15
N THR B 188 -16.51 10.80 -5.96
CA THR B 188 -15.55 9.99 -5.20
C THR B 188 -14.17 9.99 -5.87
N GLU B 189 -14.18 9.80 -7.20
CA GLU B 189 -12.96 9.93 -8.01
C GLU B 189 -12.30 11.30 -7.88
N ALA B 190 -13.12 12.35 -7.85
CA ALA B 190 -12.64 13.71 -7.63
C ALA B 190 -11.92 13.87 -6.27
N ILE B 191 -12.49 13.27 -5.22
CA ILE B 191 -11.84 13.24 -3.90
C ILE B 191 -10.47 12.54 -3.96
N LEU B 192 -10.45 11.33 -4.51
CA LEU B 192 -9.21 10.55 -4.66
C LEU B 192 -8.15 11.31 -5.46
N HIS B 193 -8.57 11.86 -6.61
CA HIS B 193 -7.67 12.63 -7.46
C HIS B 193 -7.13 13.89 -6.77
N SER B 194 -8.01 14.63 -6.09
CA SER B 194 -7.62 15.80 -5.30
C SER B 194 -6.56 15.47 -4.25
N ASN B 195 -6.80 14.39 -3.51
CA ASN B 195 -5.88 13.91 -2.48
C ASN B 195 -4.55 13.40 -3.07
N ASN B 196 -4.61 12.81 -4.27
CA ASN B 196 -3.40 12.44 -5.02
C ASN B 196 -2.61 13.67 -5.47
N THR B 197 -3.30 14.68 -5.99
CA THR B 197 -2.66 15.95 -6.39
C THR B 197 -1.99 16.65 -5.20
N ARG B 198 -2.64 16.58 -4.03
CA ARG B 198 -2.10 17.16 -2.79
C ARG B 198 -0.70 16.60 -2.44
N ASP B 199 -0.50 15.30 -2.67
CA ASP B 199 0.78 14.62 -2.40
C ASP B 199 1.57 14.30 -3.67
N MET B 200 1.75 15.30 -4.53
CA MET B 200 2.43 15.09 -5.83
C MET B 200 3.94 14.89 -5.66
N GLU B 201 4.59 15.87 -5.03
CA GLU B 201 6.06 15.87 -4.86
C GLU B 201 6.56 14.78 -3.91
N SER B 202 5.83 14.55 -2.81
CA SER B 202 6.15 13.50 -1.84
C SER B 202 6.16 12.12 -2.49
N ASP B 203 5.09 11.82 -3.24
CA ASP B 203 5.00 10.59 -4.02
C ASP B 203 6.06 10.50 -5.13
N GLN B 204 6.36 11.64 -5.76
CA GLN B 204 7.41 11.70 -6.80
C GLN B 204 8.80 11.35 -6.24
N GLU B 205 9.16 11.95 -5.10
CA GLU B 205 10.46 11.66 -4.46
C GLU B 205 10.52 10.26 -3.84
N ALA B 206 9.41 9.79 -3.27
CA ALA B 206 9.33 8.46 -2.64
C ALA B 206 9.38 7.29 -3.63
N GLY B 207 9.04 7.55 -4.89
CA GLY B 207 9.00 6.52 -5.94
C GLY B 207 7.61 6.05 -6.31
N ILE B 208 6.58 6.56 -5.62
CA ILE B 208 5.19 6.19 -5.87
C ILE B 208 4.68 6.94 -7.10
N VAL B 209 3.90 6.25 -7.93
CA VAL B 209 3.27 6.85 -9.12
C VAL B 209 1.75 6.90 -8.95
N THR B 210 1.16 8.03 -9.32
CA THR B 210 -0.29 8.24 -9.32
C THR B 210 -0.69 8.78 -10.69
N LEU B 211 -1.98 9.03 -10.89
CA LEU B 211 -2.47 9.61 -12.15
C LEU B 211 -2.03 11.06 -12.29
N ALA B 212 -2.12 11.83 -11.21
CA ALA B 212 -1.68 13.23 -11.16
C ALA B 212 -0.19 13.44 -11.51
N ILE B 213 0.65 12.47 -11.17
CA ILE B 213 2.07 12.50 -11.55
C ILE B 213 2.23 12.21 -13.05
N LEU B 214 1.52 11.20 -13.55
CA LEU B 214 1.62 10.78 -14.96
C LEU B 214 1.13 11.83 -15.95
N ILE B 215 -0.07 12.38 -15.71
CA ILE B 215 -0.68 13.32 -16.67
C ILE B 215 -0.14 14.76 -16.59
N GLY B 216 0.44 15.13 -15.45
CA GLY B 216 0.98 16.48 -15.22
C GLY B 216 0.03 17.36 -14.44
N PRO B 217 0.47 18.58 -14.06
CA PRO B 217 -0.32 19.47 -13.19
C PRO B 217 -1.57 20.10 -13.85
N THR B 218 -1.40 20.63 -15.06
CA THR B 218 -2.51 21.29 -15.78
C THR B 218 -3.62 20.31 -16.19
N PHE B 219 -3.22 19.12 -16.63
CA PHE B 219 -4.16 18.03 -16.95
C PHE B 219 -4.86 17.48 -15.70
N SER B 220 -4.13 17.41 -14.59
CA SER B 220 -4.73 17.05 -13.29
C SER B 220 -5.77 18.08 -12.84
N TYR B 221 -5.48 19.36 -13.08
CA TYR B 221 -6.45 20.43 -12.80
C TYR B 221 -7.71 20.31 -13.66
N VAL B 222 -7.55 20.13 -14.98
CA VAL B 222 -8.72 19.97 -15.87
C VAL B 222 -9.49 18.67 -15.59
N LEU B 223 -8.76 17.61 -15.25
CA LEU B 223 -9.39 16.34 -14.84
C LEU B 223 -10.18 16.48 -13.52
N TYR B 224 -9.58 17.17 -12.56
CA TYR B 224 -10.27 17.53 -11.31
C TYR B 224 -11.59 18.28 -11.58
N ASN B 225 -11.51 19.28 -12.46
CA ASN B 225 -12.66 20.12 -12.79
C ASN B 225 -13.74 19.36 -13.55
N THR B 226 -13.33 18.48 -14.47
CA THR B 226 -14.24 17.57 -15.18
C THR B 226 -14.98 16.66 -14.19
N LEU B 227 -14.22 15.96 -13.37
CA LEU B 227 -14.79 15.03 -12.37
C LEU B 227 -15.67 15.73 -11.32
N LEU B 228 -15.35 16.98 -11.01
CA LEU B 228 -16.18 17.79 -10.12
C LEU B 228 -17.49 18.24 -10.75
N PHE B 229 -17.44 18.69 -12.02
CA PHE B 229 -18.60 19.32 -12.68
C PHE B 229 -19.52 18.40 -13.50
N LEU B 230 -19.10 17.18 -13.82
CA LEU B 230 -19.96 16.23 -14.54
C LEU B 230 -21.26 15.85 -13.79
N PRO B 231 -21.17 15.57 -12.46
CA PRO B 231 -22.38 15.29 -11.67
C PRO B 231 -23.51 16.32 -11.83
N TYR B 232 -23.15 17.61 -11.84
CA TYR B 232 -24.14 18.69 -11.95
C TYR B 232 -24.86 18.71 -13.31
N LEU B 233 -24.11 18.41 -14.38
CA LEU B 233 -24.71 18.22 -15.71
C LEU B 233 -25.67 17.03 -15.74
N ILE B 234 -25.25 15.92 -15.11
CA ILE B 234 -26.10 14.73 -14.99
C ILE B 234 -27.37 14.99 -14.16
N PHE B 235 -27.24 15.75 -13.07
CA PHE B 235 -28.38 16.13 -12.24
C PHE B 235 -29.33 17.10 -12.95
N SER B 236 -28.79 18.01 -13.75
CA SER B 236 -29.61 18.94 -14.55
C SER B 236 -30.39 18.21 -15.65
N ILE B 237 -29.74 17.26 -16.31
CA ILE B 237 -30.39 16.39 -17.31
C ILE B 237 -31.49 15.55 -16.64
N LEU B 238 -31.11 14.80 -15.61
CA LEU B 238 -32.06 13.98 -14.83
C LEU B 238 -33.18 14.79 -14.16
N ALA B 239 -32.93 16.07 -13.89
CA ALA B 239 -33.96 16.98 -13.39
C ALA B 239 -34.95 17.36 -14.50
N THR B 240 -34.44 17.99 -15.54
CA THR B 240 -35.28 18.57 -16.59
C THR B 240 -35.96 17.55 -17.50
N HIS B 241 -35.40 16.35 -17.60
CA HIS B 241 -35.93 15.29 -18.48
C HIS B 241 -36.75 14.19 -17.79
N CYS B 242 -36.47 13.92 -16.51
CA CYS B 242 -37.20 12.88 -15.74
C CYS B 242 -38.15 13.47 -14.69
N SER B 243 -37.60 14.17 -13.70
CA SER B 243 -38.38 14.74 -12.58
C SER B 243 -37.71 15.99 -12.02
N ILE B 244 -38.45 17.10 -11.97
CA ILE B 244 -37.90 18.41 -11.54
C ILE B 244 -37.45 18.44 -10.07
N SER B 245 -38.08 17.63 -9.23
CA SER B 245 -37.75 17.51 -7.80
C SER B 245 -36.34 16.97 -7.50
N LEU B 246 -35.72 16.31 -8.48
CA LEU B 246 -34.34 15.80 -8.37
C LEU B 246 -33.25 16.88 -8.52
N ALA B 247 -33.62 18.13 -8.81
CA ALA B 247 -32.68 19.23 -9.07
C ALA B 247 -32.00 19.87 -7.84
N LEU B 248 -32.14 19.26 -6.65
CA LEU B 248 -31.53 19.79 -5.42
C LEU B 248 -30.00 19.92 -5.42
N PRO B 249 -29.28 18.89 -5.92
CA PRO B 249 -27.80 18.96 -5.90
C PRO B 249 -27.16 20.11 -6.70
N LEU B 250 -27.91 20.78 -7.56
CA LEU B 250 -27.45 22.02 -8.19
C LEU B 250 -27.39 23.22 -7.23
N LEU B 251 -28.11 23.13 -6.09
CA LEU B 251 -28.08 24.16 -5.05
C LEU B 251 -26.71 24.35 -4.40
N THR B 252 -25.88 23.30 -4.37
CA THR B 252 -24.51 23.38 -3.83
C THR B 252 -23.42 23.79 -4.85
N ILE B 253 -23.80 24.38 -5.98
CA ILE B 253 -22.84 24.83 -7.00
C ILE B 253 -21.90 25.98 -6.55
N PRO B 254 -22.34 26.86 -5.61
CA PRO B 254 -21.38 27.86 -5.09
C PRO B 254 -20.16 27.25 -4.40
N MET B 255 -20.37 26.16 -3.65
CA MET B 255 -19.29 25.43 -2.99
C MET B 255 -18.34 24.81 -4.03
N ALA B 256 -18.90 24.24 -5.09
CA ALA B 256 -18.13 23.69 -6.20
C ALA B 256 -17.27 24.73 -6.90
N PHE B 257 -17.83 25.92 -7.12
CA PHE B 257 -17.05 27.05 -7.65
C PHE B 257 -15.95 27.52 -6.68
N SER B 258 -16.27 27.56 -5.38
CA SER B 258 -15.28 27.88 -4.34
C SER B 258 -14.13 26.87 -4.31
N LEU B 259 -14.47 25.59 -4.41
CA LEU B 259 -13.48 24.49 -4.53
C LEU B 259 -12.61 24.63 -5.78
N GLU B 260 -13.24 24.94 -6.91
CA GLU B 260 -12.54 25.14 -8.18
C GLU B 260 -11.62 26.37 -8.14
N ARG B 261 -12.08 27.43 -7.48
CA ARG B 261 -11.27 28.65 -7.30
C ARG B 261 -10.12 28.49 -6.29
N GLN B 262 -10.26 27.57 -5.33
CA GLN B 262 -9.21 27.27 -4.34
C GLN B 262 -8.41 25.99 -4.71
N PHE B 263 -8.03 25.89 -5.98
CA PHE B 263 -7.19 24.81 -6.51
C PHE B 263 -6.12 25.35 -7.45
N PRO B 272 -8.45 18.23 0.42
CA PRO B 272 -9.55 17.33 0.09
C PRO B 272 -10.69 17.28 1.11
N GLN B 273 -10.48 17.85 2.31
CA GLN B 273 -11.51 17.97 3.34
C GLN B 273 -12.78 18.68 2.86
N ARG B 274 -12.60 19.75 2.09
CA ARG B 274 -13.71 20.57 1.58
C ARG B 274 -14.43 19.83 0.44
N THR B 275 -13.65 19.14 -0.40
CA THR B 275 -14.17 18.24 -1.45
C THR B 275 -15.00 17.10 -0.84
N ALA B 276 -14.47 16.49 0.23
CA ALA B 276 -15.18 15.44 0.96
C ALA B 276 -16.50 15.94 1.57
N LYS B 277 -16.48 17.13 2.15
CA LYS B 277 -17.69 17.80 2.66
C LYS B 277 -18.69 18.07 1.53
N LEU B 278 -18.18 18.55 0.39
CA LEU B 278 -19.02 18.79 -0.80
C LEU B 278 -19.70 17.52 -1.30
N ASN B 279 -18.91 16.44 -1.43
CA ASN B 279 -19.44 15.12 -1.80
C ASN B 279 -20.54 14.64 -0.84
N LEU B 280 -20.27 14.78 0.46
CA LEU B 280 -21.24 14.43 1.51
C LEU B 280 -22.58 15.15 1.30
N LEU B 281 -22.52 16.46 1.09
CA LEU B 281 -23.72 17.28 0.84
C LEU B 281 -24.41 16.96 -0.49
N LEU B 282 -23.60 16.74 -1.54
CA LEU B 282 -24.11 16.30 -2.85
C LEU B 282 -24.92 15.01 -2.72
N GLY B 283 -24.30 14.01 -2.09
CA GLY B 283 -24.94 12.73 -1.79
C GLY B 283 -26.23 12.85 -0.99
N LEU B 284 -26.22 13.70 0.04
CA LEU B 284 -27.41 13.94 0.88
C LEU B 284 -28.56 14.54 0.06
N PHE B 285 -28.27 15.58 -0.70
CA PHE B 285 -29.27 16.21 -1.57
C PHE B 285 -29.75 15.28 -2.69
N TYR B 286 -28.86 14.44 -3.23
CA TYR B 286 -29.25 13.46 -4.24
C TYR B 286 -30.22 12.40 -3.68
N VAL B 287 -29.97 11.95 -2.45
CA VAL B 287 -30.89 11.04 -1.73
C VAL B 287 -32.24 11.72 -1.45
N PHE B 288 -32.21 12.96 -0.95
CA PHE B 288 -33.44 13.75 -0.74
C PHE B 288 -34.19 14.04 -2.05
N GLY B 289 -33.46 14.13 -3.16
CA GLY B 289 -34.06 14.23 -4.49
C GLY B 289 -34.78 12.96 -4.92
N ILE B 290 -34.11 11.82 -4.73
CA ILE B 290 -34.68 10.49 -5.05
C ILE B 290 -35.94 10.20 -4.23
N ILE B 291 -35.90 10.51 -2.92
CA ILE B 291 -37.04 10.24 -2.02
C ILE B 291 -38.27 11.09 -2.38
N LEU B 292 -38.04 12.39 -2.61
CA LEU B 292 -39.12 13.35 -2.92
C LEU B 292 -39.70 13.24 -4.35
N ALA B 293 -39.04 12.46 -5.22
CA ALA B 293 -39.50 12.28 -6.60
C ALA B 293 -40.94 11.72 -6.69
N PRO B 294 -41.76 12.24 -7.63
CA PRO B 294 -43.12 11.71 -7.80
C PRO B 294 -43.18 10.25 -8.28
N ALA B 295 -44.28 9.58 -7.95
CA ALA B 295 -44.45 8.16 -8.27
C ALA B 295 -44.69 7.96 -9.76
N GLY B 296 -43.81 7.17 -10.38
CA GLY B 296 -43.90 6.86 -11.82
C GLY B 296 -43.12 7.78 -12.75
N SER B 297 -42.54 8.86 -12.21
CA SER B 297 -41.83 9.87 -13.01
C SER B 297 -40.35 9.57 -13.25
N LEU B 298 -39.81 8.54 -12.59
CA LEU B 298 -38.40 8.14 -12.73
C LEU B 298 -38.27 6.93 -13.66
N PRO B 299 -37.31 6.95 -14.61
CA PRO B 299 -37.08 5.80 -15.51
C PRO B 299 -36.93 4.46 -14.78
N ARG B 300 -37.71 3.47 -15.22
CA ARG B 300 -37.79 2.14 -14.59
C ARG B 300 -38.19 2.18 -13.10
N LEU B 301 -39.01 3.16 -12.73
CA LEU B 301 -39.42 3.33 -11.33
C LEU B 301 -40.83 3.91 -11.24
N ALA C 1 -7.65 28.06 -8.73
CA ALA C 1 -6.57 28.70 -9.55
C ALA C 1 -5.37 29.24 -8.77
N ARG C 2 -5.58 29.74 -7.54
CA ARG C 2 -4.54 30.37 -6.73
C ARG C 2 -3.29 29.50 -6.49
N ARG C 3 -3.49 28.23 -6.16
CA ARG C 3 -2.37 27.31 -5.93
C ARG C 3 -1.48 27.25 -7.18
N LEU C 4 -2.07 26.75 -8.28
CA LEU C 4 -1.36 26.64 -9.56
C LEU C 4 -0.77 27.97 -10.02
N ALA C 5 -1.50 29.06 -9.79
CA ALA C 5 -1.03 30.41 -10.12
C ALA C 5 0.25 30.76 -9.37
N LEU C 6 0.21 30.60 -8.05
CA LEU C 6 1.41 30.84 -7.21
C LEU C 6 2.60 29.95 -7.58
N GLU C 7 2.34 28.67 -7.85
CA GLU C 7 3.39 27.72 -8.25
C GLU C 7 3.98 28.03 -9.62
N ASP C 8 3.12 28.37 -10.58
CA ASP C 8 3.56 28.83 -11.90
C ASP C 8 4.38 30.11 -11.78
N ASN C 9 3.86 31.08 -11.03
CA ASN C 9 4.58 32.33 -10.74
C ASN C 9 5.97 32.05 -10.16
N TRP C 10 6.01 31.25 -9.09
CA TRP C 10 7.26 30.88 -8.43
C TRP C 10 8.24 30.13 -9.33
N GLU C 11 7.72 29.14 -10.06
CA GLU C 11 8.53 28.34 -11.00
C GLU C 11 9.11 29.21 -12.13
N THR C 12 8.26 30.02 -12.74
CA THR C 12 8.69 30.94 -13.79
C THR C 12 9.67 32.00 -13.26
N LEU C 13 9.45 32.47 -12.04
CA LEU C 13 10.39 33.37 -11.36
C LEU C 13 11.77 32.71 -11.25
N ASN C 14 11.78 31.47 -10.74
CA ASN C 14 13.01 30.66 -10.66
C ASN C 14 13.67 30.43 -12.03
N ASP C 15 12.84 30.16 -13.04
CA ASP C 15 13.33 30.01 -14.42
C ASP C 15 13.99 31.32 -14.91
N ASN C 16 13.34 32.43 -14.63
CA ASN C 16 13.90 33.76 -14.96
C ASN C 16 15.20 34.05 -14.19
N LEU C 17 15.28 33.61 -12.93
CA LEU C 17 16.53 33.67 -12.17
C LEU C 17 17.66 32.90 -12.89
N LYS C 18 17.34 31.70 -13.37
CA LYS C 18 18.28 30.92 -14.18
C LYS C 18 18.69 31.68 -15.44
N VAL C 19 17.70 32.28 -16.12
CA VAL C 19 17.95 33.10 -17.31
C VAL C 19 18.92 34.25 -17.01
N ILE C 20 18.62 35.07 -15.99
CA ILE C 20 19.51 36.22 -15.65
C ILE C 20 20.92 35.78 -15.26
N GLU C 21 21.05 34.70 -14.49
CA GLU C 21 22.37 34.17 -14.13
C GLU C 21 23.16 33.63 -15.33
N LYS C 22 22.47 32.99 -16.28
CA LYS C 22 23.10 32.44 -17.50
C LYS C 22 22.89 33.29 -18.77
N ALA C 23 22.59 34.59 -18.60
CA ALA C 23 22.43 35.52 -19.74
C ALA C 23 23.78 36.08 -20.19
N ASP C 24 23.86 36.42 -21.47
CA ASP C 24 25.05 37.03 -22.09
C ASP C 24 24.81 38.50 -22.48
N ASN C 25 23.80 38.72 -23.31
CA ASN C 25 23.44 40.06 -23.81
C ASN C 25 22.51 40.81 -22.85
N ALA C 26 22.53 42.15 -22.93
CA ALA C 26 21.72 43.01 -22.05
C ALA C 26 20.22 43.07 -22.37
N ALA C 27 19.85 42.76 -23.62
CA ALA C 27 18.45 42.83 -24.08
C ALA C 27 17.58 41.77 -23.40
N GLN C 28 18.05 40.52 -23.44
CA GLN C 28 17.38 39.42 -22.72
C GLN C 28 17.36 39.65 -21.20
N VAL C 29 18.47 40.15 -20.66
CA VAL C 29 18.57 40.59 -19.26
C VAL C 29 17.44 41.57 -18.95
N LYS C 30 17.32 42.61 -19.77
CA LYS C 30 16.30 43.65 -19.58
C LYS C 30 14.89 43.05 -19.56
N ASP C 31 14.50 42.39 -20.66
CA ASP C 31 13.14 41.81 -20.77
C ASP C 31 12.84 40.74 -19.70
N ALA C 32 13.87 39.96 -19.33
CA ALA C 32 13.74 38.99 -18.24
C ALA C 32 13.43 39.67 -16.90
N LEU C 33 14.25 40.67 -16.55
CA LEU C 33 14.06 41.43 -15.30
C LEU C 33 12.75 42.24 -15.24
N THR C 34 12.26 42.71 -16.39
CA THR C 34 10.92 43.32 -16.46
C THR C 34 9.83 42.27 -16.22
N LYS C 35 10.02 41.06 -16.75
CA LYS C 35 9.14 39.92 -16.42
C LYS C 35 9.18 39.57 -14.93
N MET C 36 10.37 39.61 -14.34
CA MET C 36 10.52 39.38 -12.88
C MET C 36 9.71 40.40 -12.06
N ARG C 37 9.89 41.68 -12.41
CA ARG C 37 9.13 42.78 -11.80
C ARG C 37 7.61 42.60 -11.97
N ALA C 38 7.19 42.19 -13.17
CA ALA C 38 5.78 41.90 -13.46
C ALA C 38 5.23 40.71 -12.65
N ALA C 39 6.04 39.66 -12.53
CA ALA C 39 5.68 38.50 -11.71
C ALA C 39 5.60 38.86 -10.22
N ALA C 40 6.55 39.69 -9.77
CA ALA C 40 6.56 40.21 -8.40
C ALA C 40 5.29 40.99 -8.07
N LEU C 41 4.96 41.98 -8.91
CA LEU C 41 3.73 42.79 -8.72
C LEU C 41 2.43 41.99 -8.91
N ASP C 42 2.46 40.95 -9.74
CA ASP C 42 1.36 39.99 -9.80
C ASP C 42 1.26 39.12 -8.53
N ALA C 43 2.40 38.78 -7.95
CA ALA C 43 2.46 38.07 -6.66
C ALA C 43 2.15 38.95 -5.42
N GLN C 44 2.28 40.27 -5.56
CA GLN C 44 1.94 41.21 -4.47
C GLN C 44 0.49 41.07 -3.99
N LYS C 45 -0.45 41.15 -4.95
CA LYS C 45 -1.88 41.00 -4.67
C LYS C 45 -2.29 39.60 -4.18
N ALA C 46 -1.46 38.60 -4.44
CA ALA C 46 -1.66 37.26 -3.86
C ALA C 46 -1.41 37.28 -2.36
N THR C 47 -2.46 37.02 -1.58
CA THR C 47 -2.39 37.02 -0.12
C THR C 47 -1.72 35.73 0.39
N PRO C 48 -0.87 35.83 1.43
CA PRO C 48 -0.34 34.59 2.04
C PRO C 48 -1.41 33.81 2.82
N PRO C 49 -1.65 32.53 2.47
CA PRO C 49 -2.62 31.67 3.17
C PRO C 49 -2.44 31.50 4.69
N LYS C 50 -1.25 31.78 5.21
CA LYS C 50 -1.01 31.89 6.65
C LYS C 50 -1.79 33.06 7.29
N LEU C 51 -1.90 34.17 6.55
CA LEU C 51 -2.48 35.43 7.08
C LEU C 51 -3.94 35.69 6.64
N GLU C 52 -4.74 34.63 6.56
CA GLU C 52 -6.16 34.73 6.18
C GLU C 52 -7.06 34.95 7.40
N ASP C 53 -6.85 34.14 8.43
CA ASP C 53 -7.58 34.28 9.71
C ASP C 53 -7.38 35.64 10.39
N LYS C 54 -6.13 36.13 10.36
CA LYS C 54 -5.79 37.45 10.91
C LYS C 54 -6.10 38.58 9.94
N SER C 55 -6.04 39.82 10.43
CA SER C 55 -6.34 41.00 9.63
C SER C 55 -5.23 41.33 8.64
N PRO C 56 -5.56 41.96 7.48
CA PRO C 56 -4.51 42.37 6.54
C PRO C 56 -3.62 43.55 6.97
N ASP C 57 -3.72 44.00 8.21
CA ASP C 57 -2.82 45.01 8.78
C ASP C 57 -1.97 44.43 9.93
N SER C 58 -1.51 43.18 9.76
CA SER C 58 -0.71 42.50 10.78
C SER C 58 0.80 42.79 10.63
N PRO C 59 1.57 42.75 11.75
CA PRO C 59 3.03 42.94 11.69
C PRO C 59 3.76 41.99 10.73
N GLU C 60 3.29 40.74 10.67
CA GLU C 60 3.81 39.73 9.73
C GLU C 60 3.52 40.14 8.29
N MET C 61 2.30 40.66 8.06
CA MET C 61 1.92 41.22 6.76
C MET C 61 2.83 42.41 6.40
N LYS C 62 3.06 43.31 7.37
CA LYS C 62 3.99 44.45 7.17
C LYS C 62 5.43 44.01 6.84
N ASP C 63 5.89 42.95 7.50
CA ASP C 63 7.19 42.33 7.17
C ASP C 63 7.21 41.81 5.72
N PHE C 64 6.12 41.16 5.33
CA PHE C 64 5.92 40.68 3.95
C PHE C 64 5.93 41.85 2.94
N ARG C 65 5.24 42.94 3.29
CA ARG C 65 5.21 44.15 2.44
C ARG C 65 6.59 44.80 2.31
N HIS C 66 7.27 44.96 3.45
CA HIS C 66 8.65 45.48 3.46
C HIS C 66 9.57 44.60 2.61
N GLY C 67 9.46 43.28 2.79
CA GLY C 67 10.18 42.31 1.96
C GLY C 67 10.00 42.56 0.47
N PHE C 68 8.74 42.59 0.04
CA PHE C 68 8.40 42.86 -1.37
C PHE C 68 8.87 44.24 -1.86
N ASP C 69 8.79 45.24 -0.99
CA ASP C 69 9.33 46.58 -1.30
C ASP C 69 10.84 46.52 -1.59
N ILE C 70 11.57 45.78 -0.76
CA ILE C 70 13.01 45.53 -0.97
C ILE C 70 13.26 44.78 -2.28
N LEU C 71 12.42 43.77 -2.58
CA LEU C 71 12.52 43.03 -3.86
C LEU C 71 12.40 43.94 -5.07
N VAL C 72 11.31 44.71 -5.14
CA VAL C 72 11.08 45.63 -6.27
C VAL C 72 12.16 46.72 -6.37
N GLY C 73 12.62 47.19 -5.20
CA GLY C 73 13.78 48.10 -5.13
C GLY C 73 15.04 47.54 -5.78
N GLN C 74 15.38 46.30 -5.44
CA GLN C 74 16.52 45.58 -6.02
C GLN C 74 16.36 45.36 -7.53
N ILE C 75 15.15 44.98 -7.95
CA ILE C 75 14.87 44.76 -9.38
C ILE C 75 15.01 46.08 -10.13
N ASP C 76 14.37 47.14 -9.62
CA ASP C 76 14.50 48.49 -10.20
C ASP C 76 15.96 48.96 -10.30
N ASP C 77 16.74 48.69 -9.25
CA ASP C 77 18.19 48.95 -9.24
C ASP C 77 18.89 48.20 -10.38
N ALA C 78 18.56 46.92 -10.53
CA ALA C 78 19.08 46.10 -11.64
C ALA C 78 18.67 46.63 -13.02
N LEU C 79 17.43 47.11 -13.14
CA LEU C 79 16.95 47.72 -14.40
C LEU C 79 17.78 48.95 -14.78
N LYS C 80 17.83 49.93 -13.86
CA LYS C 80 18.61 51.16 -14.12
C LYS C 80 20.12 50.92 -14.30
N LEU C 81 20.64 49.89 -13.63
CA LEU C 81 22.04 49.47 -13.82
C LEU C 81 22.25 48.82 -15.19
N ALA C 82 21.34 47.92 -15.57
CA ALA C 82 21.46 47.16 -16.84
C ALA C 82 21.00 47.91 -18.09
N ASN C 83 20.32 49.05 -17.94
CA ASN C 83 19.90 49.89 -19.09
C ASN C 83 21.06 50.26 -20.04
N GLU C 84 22.20 50.64 -19.47
CA GLU C 84 23.41 50.94 -20.25
C GLU C 84 24.09 49.68 -20.80
N GLY C 85 24.05 48.60 -20.01
CA GLY C 85 24.65 47.31 -20.38
C GLY C 85 25.65 46.73 -19.39
N LYS C 86 25.40 46.93 -18.09
CA LYS C 86 26.23 46.36 -17.03
C LYS C 86 25.62 45.02 -16.62
N VAL C 87 26.30 43.93 -16.97
CA VAL C 87 25.77 42.56 -16.80
C VAL C 87 26.28 41.88 -15.52
N LYS C 88 27.59 41.98 -15.27
CA LYS C 88 28.23 41.35 -14.12
C LYS C 88 27.68 41.86 -12.78
N GLU C 89 27.52 43.17 -12.67
CA GLU C 89 26.94 43.81 -11.49
C GLU C 89 25.43 43.49 -11.35
N ALA C 90 24.75 43.39 -12.48
CA ALA C 90 23.34 42.96 -12.53
C ALA C 90 23.16 41.53 -12.03
N GLN C 91 24.05 40.63 -12.47
CA GLN C 91 24.06 39.25 -11.98
C GLN C 91 24.41 39.16 -10.48
N ALA C 92 25.33 40.02 -10.04
CA ALA C 92 25.71 40.13 -8.63
C ALA C 92 24.54 40.60 -7.76
N ALA C 93 23.88 41.66 -8.21
CA ALA C 93 22.66 42.16 -7.56
C ALA C 93 21.52 41.14 -7.58
N ALA C 94 21.39 40.43 -8.71
CA ALA C 94 20.42 39.34 -8.86
C ALA C 94 20.70 38.21 -7.87
N GLU C 95 21.96 37.82 -7.73
CA GLU C 95 22.37 36.81 -6.73
C GLU C 95 22.05 37.27 -5.30
N GLN C 96 22.29 38.55 -5.01
CA GLN C 96 21.90 39.15 -3.73
C GLN C 96 20.38 39.13 -3.53
N LEU C 97 19.63 39.36 -4.62
CA LEU C 97 18.17 39.15 -4.61
C LEU C 97 17.81 37.68 -4.31
N LYS C 98 18.58 36.75 -4.89
CA LYS C 98 18.45 35.31 -4.57
C LYS C 98 18.71 35.00 -3.08
N THR C 99 19.71 35.66 -2.49
CA THR C 99 19.99 35.50 -1.05
C THR C 99 18.82 36.00 -0.18
N THR C 100 18.35 37.22 -0.46
CA THR C 100 17.24 37.81 0.32
C THR C 100 15.89 37.13 0.08
N ARG C 101 15.62 36.65 -1.13
CA ARG C 101 14.40 35.85 -1.36
C ARG C 101 14.46 34.55 -0.53
N ASN C 102 15.61 33.87 -0.54
CA ASN C 102 15.80 32.64 0.25
C ASN C 102 15.80 32.91 1.75
N ALA C 103 16.24 34.11 2.14
CA ALA C 103 16.18 34.54 3.54
C ALA C 103 14.74 34.71 4.02
N TYR C 104 13.96 35.51 3.30
CA TYR C 104 12.57 35.84 3.69
C TYR C 104 11.48 35.21 2.81
N ILE C 105 11.47 35.59 1.55
CA ILE C 105 10.27 35.48 0.69
C ILE C 105 9.96 34.04 0.29
N GLN C 106 10.99 33.28 -0.06
CA GLN C 106 10.89 31.84 -0.35
C GLN C 106 10.40 31.09 0.89
N LYS C 107 11.10 31.32 2.01
CA LYS C 107 10.70 30.76 3.31
C LYS C 107 9.24 31.06 3.66
N TYR C 108 8.77 32.26 3.30
CA TYR C 108 7.34 32.60 3.46
C TYR C 108 6.43 31.84 2.48
N LEU C 109 6.64 32.05 1.18
CA LEU C 109 5.71 31.55 0.15
C LEU C 109 5.58 30.03 0.03
N GLU C 110 6.66 29.30 0.33
CA GLU C 110 6.66 27.83 0.25
C GLU C 110 5.72 27.23 1.31
N ARG C 111 5.94 27.62 2.56
CA ARG C 111 5.06 27.23 3.66
C ARG C 111 3.67 27.88 3.58
N ALA C 112 3.59 29.05 2.93
CA ALA C 112 2.30 29.69 2.63
C ALA C 112 1.44 28.79 1.75
N ARG C 113 1.93 28.40 0.57
CA ARG C 113 1.12 27.58 -0.35
C ARG C 113 0.66 26.24 0.23
N SER C 114 1.50 25.68 1.10
CA SER C 114 1.21 24.38 1.68
C SER C 114 -0.10 24.40 2.44
N THR C 115 -0.36 25.47 3.20
CA THR C 115 -1.60 25.58 3.95
C THR C 115 -2.79 25.56 2.99
N LEU C 116 -2.69 26.25 1.85
CA LEU C 116 -3.77 26.26 0.88
C LEU C 116 -4.02 24.83 0.40
N GLN C 117 -2.94 24.10 0.12
CA GLN C 117 -3.12 22.71 -0.32
C GLN C 117 -3.81 21.89 0.78
N LYS C 118 -3.46 22.12 2.05
CA LYS C 118 -4.10 21.41 3.16
C LYS C 118 -5.59 21.72 3.17
N GLU C 119 -5.97 22.98 2.91
CA GLU C 119 -7.36 23.35 2.85
C GLU C 119 -8.07 22.59 1.74
N VAL C 120 -7.43 22.41 0.60
CA VAL C 120 -8.13 21.66 -0.46
C VAL C 120 -7.67 20.22 -0.61
N ASP D 1 16.09 13.07 15.21
CA ASP D 1 17.00 12.76 16.35
C ASP D 1 16.65 13.57 17.60
N ILE D 2 15.66 13.09 18.34
CA ILE D 2 15.21 13.73 19.57
C ILE D 2 16.20 13.38 20.68
N LEU D 3 16.80 14.41 21.27
CA LEU D 3 17.79 14.22 22.34
C LEU D 3 17.10 14.09 23.68
N LEU D 4 17.33 12.94 24.34
CA LEU D 4 16.78 12.66 25.65
C LEU D 4 17.90 12.77 26.67
N THR D 5 17.58 13.49 27.74
CA THR D 5 18.51 13.84 28.78
C THR D 5 18.01 13.23 30.11
N GLN D 6 18.94 12.99 31.04
CA GLN D 6 18.63 12.39 32.37
C GLN D 6 19.48 13.03 33.49
N SER D 7 18.92 13.21 34.71
CA SER D 7 19.51 14.22 35.66
C SER D 7 20.20 13.93 37.02
N PRO D 8 19.97 12.78 37.70
CA PRO D 8 21.20 12.46 38.41
C PRO D 8 21.94 11.50 37.47
N ALA D 9 23.25 11.64 37.36
CA ALA D 9 24.04 10.72 36.54
C ALA D 9 24.25 9.43 37.34
N ILE D 10 24.63 9.63 38.59
CA ILE D 10 24.77 8.58 39.58
C ILE D 10 23.89 9.01 40.73
N LEU D 11 23.11 8.07 41.25
CA LEU D 11 22.11 8.42 42.22
C LEU D 11 22.24 7.50 43.42
N SER D 12 22.63 8.07 44.55
CA SER D 12 22.81 7.31 45.79
C SER D 12 21.51 7.30 46.61
N VAL D 13 21.11 6.11 47.03
CA VAL D 13 19.89 5.91 47.85
C VAL D 13 20.16 4.94 49.00
N SER D 14 19.18 4.83 49.90
CA SER D 14 19.21 3.87 51.01
C SER D 14 17.99 2.94 50.88
N PRO D 15 18.14 1.64 51.27
CA PRO D 15 17.00 0.71 51.23
C PRO D 15 15.78 1.20 52.02
N GLY D 16 14.62 1.22 51.34
CA GLY D 16 13.38 1.76 51.90
C GLY D 16 12.99 3.12 51.33
N GLU D 17 13.98 3.94 50.98
CA GLU D 17 13.73 5.31 50.50
C GLU D 17 13.22 5.34 49.06
N ARG D 18 12.38 6.32 48.76
CA ARG D 18 11.79 6.49 47.44
C ARG D 18 12.79 7.19 46.50
N VAL D 19 12.83 6.72 45.26
CA VAL D 19 13.74 7.24 44.23
C VAL D 19 12.93 7.89 43.11
N SER D 20 13.53 8.86 42.43
CA SER D 20 12.89 9.53 41.29
C SER D 20 13.91 9.91 40.22
N PHE D 21 13.73 9.35 39.02
CA PHE D 21 14.52 9.72 37.83
C PHE D 21 13.75 10.72 36.99
N SER D 22 14.42 11.28 35.98
CA SER D 22 13.81 12.25 35.06
C SER D 22 14.37 12.07 33.66
N CYS D 23 13.48 11.95 32.67
CA CYS D 23 13.87 11.83 31.26
C CYS D 23 13.31 13.00 30.46
N ARG D 24 14.07 14.10 30.43
CA ARG D 24 13.63 15.35 29.81
C ARG D 24 13.94 15.36 28.31
N ALA D 25 12.90 15.17 27.50
CA ALA D 25 13.04 15.13 26.04
C ALA D 25 13.30 16.52 25.45
N SER D 26 13.67 16.52 24.16
CA SER D 26 13.86 17.77 23.39
C SER D 26 12.66 18.12 22.50
N GLN D 27 11.51 17.50 22.75
CA GLN D 27 10.30 17.69 21.94
C GLN D 27 9.09 17.10 22.66
N SER D 28 7.90 17.59 22.31
CA SER D 28 6.64 17.02 22.78
C SER D 28 6.41 15.65 22.12
N ILE D 29 6.65 14.59 22.88
CA ILE D 29 6.59 13.20 22.37
C ILE D 29 5.38 12.41 22.90
N GLY D 30 4.43 13.11 23.52
CA GLY D 30 3.19 12.51 24.01
C GLY D 30 3.43 11.60 25.21
N THR D 31 2.89 10.38 25.13
CA THR D 31 3.14 9.34 26.14
C THR D 31 4.06 8.23 25.62
N SER D 32 4.89 8.55 24.62
CA SER D 32 5.80 7.56 24.01
C SER D 32 7.17 7.57 24.69
N ILE D 33 7.24 6.91 25.85
CA ILE D 33 8.51 6.64 26.54
C ILE D 33 8.51 5.21 27.09
N HIS D 34 9.70 4.61 27.21
CA HIS D 34 9.88 3.25 27.73
C HIS D 34 11.10 3.20 28.62
N TRP D 35 10.91 2.75 29.86
CA TRP D 35 11.98 2.67 30.85
C TRP D 35 12.50 1.23 30.97
N TYR D 36 13.73 1.03 30.52
CA TYR D 36 14.39 -0.27 30.63
C TYR D 36 15.28 -0.33 31.87
N GLN D 37 15.48 -1.53 32.38
CA GLN D 37 16.38 -1.79 33.52
C GLN D 37 17.45 -2.79 33.07
N GLN D 38 18.71 -2.40 33.22
CA GLN D 38 19.85 -3.27 32.88
C GLN D 38 20.77 -3.46 34.08
N ARG D 39 20.77 -4.68 34.63
CA ARG D 39 21.69 -5.07 35.71
C ARG D 39 23.08 -5.36 35.12
N THR D 40 24.03 -5.70 36.00
CA THR D 40 25.39 -6.06 35.61
C THR D 40 25.44 -7.33 34.74
N ASN D 41 25.99 -7.19 33.54
CA ASN D 41 26.20 -8.31 32.59
C ASN D 41 24.88 -8.98 32.17
N GLY D 42 24.04 -8.21 31.50
CA GLY D 42 22.75 -8.70 31.02
C GLY D 42 22.14 -7.84 29.93
N SER D 43 20.93 -8.22 29.52
CA SER D 43 20.15 -7.49 28.52
C SER D 43 19.12 -6.60 29.21
N PRO D 44 18.82 -5.40 28.65
CA PRO D 44 17.76 -4.57 29.22
C PRO D 44 16.38 -5.23 29.19
N ARG D 45 15.60 -4.99 30.24
CA ARG D 45 14.24 -5.53 30.38
C ARG D 45 13.27 -4.40 30.71
N LEU D 46 12.09 -4.46 30.10
CA LEU D 46 11.12 -3.37 30.17
C LEU D 46 10.45 -3.30 31.54
N VAL D 47 10.23 -2.07 32.02
CA VAL D 47 9.66 -1.81 33.35
C VAL D 47 8.35 -1.03 33.25
N ILE D 48 8.41 0.16 32.67
CA ILE D 48 7.22 1.02 32.46
C ILE D 48 7.12 1.42 30.98
N LYS D 49 6.17 0.82 30.26
CA LYS D 49 5.85 1.22 28.88
C LYS D 49 4.91 2.42 28.86
N TYR D 50 5.15 3.32 27.90
CA TYR D 50 4.34 4.53 27.67
C TYR D 50 4.14 5.45 28.90
N ALA D 51 5.18 5.56 29.74
CA ALA D 51 5.24 6.49 30.89
C ALA D 51 4.26 6.27 32.07
N SER D 52 3.34 5.31 31.94
CA SER D 52 2.29 5.08 32.97
C SER D 52 1.93 3.61 33.09
N GLU D 53 1.65 2.98 31.95
CA GLU D 53 1.17 1.60 31.86
C GLU D 53 2.21 0.64 32.42
N SER D 54 1.80 -0.19 33.38
CA SER D 54 2.70 -1.17 34.01
C SER D 54 2.84 -2.42 33.13
N ILE D 55 3.79 -3.28 33.51
CA ILE D 55 4.12 -4.51 32.77
C ILE D 55 3.88 -5.73 33.66
N SER D 56 3.33 -6.78 33.05
CA SER D 56 3.11 -8.06 33.73
C SER D 56 4.45 -8.77 33.96
N GLY D 57 4.69 -9.16 35.22
CA GLY D 57 5.98 -9.72 35.64
C GLY D 57 6.92 -8.74 36.33
N ILE D 58 6.49 -7.48 36.47
CA ILE D 58 7.24 -6.44 37.19
C ILE D 58 6.60 -6.24 38.57
N PRO D 59 7.42 -6.04 39.63
CA PRO D 59 6.87 -5.67 40.94
C PRO D 59 6.09 -4.35 40.93
N SER D 60 5.09 -4.25 41.79
CA SER D 60 4.18 -3.09 41.82
C SER D 60 4.81 -1.77 42.28
N ARG D 61 5.98 -1.84 42.92
CA ARG D 61 6.72 -0.65 43.35
C ARG D 61 7.18 0.28 42.21
N PHE D 62 7.37 -0.29 41.02
CA PHE D 62 7.70 0.50 39.82
C PHE D 62 6.44 1.17 39.27
N SER D 63 6.46 2.50 39.28
CA SER D 63 5.39 3.32 38.72
C SER D 63 5.97 4.54 38.02
N GLY D 64 5.33 4.93 36.92
CA GLY D 64 5.74 6.09 36.13
C GLY D 64 4.68 7.17 36.12
N SER D 65 5.03 8.32 35.59
CA SER D 65 4.12 9.46 35.47
C SER D 65 4.63 10.48 34.44
N GLY D 66 3.87 11.55 34.25
CA GLY D 66 4.28 12.66 33.40
C GLY D 66 3.86 12.51 31.95
N SER D 67 3.81 13.63 31.24
CA SER D 67 3.42 13.67 29.83
C SER D 67 3.97 14.94 29.16
N GLY D 68 3.88 14.96 27.84
CA GLY D 68 4.40 16.07 27.03
C GLY D 68 5.88 15.91 26.77
N THR D 69 6.70 16.53 27.64
CA THR D 69 8.17 16.55 27.50
C THR D 69 8.91 15.91 28.68
N ASP D 70 8.54 16.31 29.90
CA ASP D 70 9.16 15.82 31.13
C ASP D 70 8.45 14.58 31.65
N PHE D 71 9.21 13.50 31.84
CA PHE D 71 8.71 12.23 32.39
C PHE D 71 9.45 11.89 33.67
N THR D 72 8.94 10.89 34.38
CA THR D 72 9.47 10.48 35.69
C THR D 72 9.11 9.03 35.99
N LEU D 73 10.10 8.26 36.46
CA LEU D 73 9.89 6.91 37.01
C LEU D 73 10.16 6.98 38.52
N SER D 74 9.46 6.14 39.29
CA SER D 74 9.63 6.10 40.75
C SER D 74 9.62 4.67 41.31
N ILE D 75 10.43 4.44 42.33
CA ILE D 75 10.47 3.16 43.07
C ILE D 75 10.08 3.46 44.51
N ASN D 76 9.02 2.81 44.99
CA ASN D 76 8.49 3.02 46.36
C ASN D 76 9.52 2.71 47.45
N SER D 77 10.09 1.51 47.38
CA SER D 77 11.13 1.06 48.31
C SER D 77 12.14 0.15 47.61
N VAL D 78 13.40 0.58 47.57
CA VAL D 78 14.46 -0.17 46.89
C VAL D 78 15.00 -1.32 47.73
N GLU D 79 15.39 -2.41 47.05
CA GLU D 79 16.00 -3.59 47.67
C GLU D 79 17.35 -3.87 47.00
N SER D 80 17.98 -5.00 47.34
CA SER D 80 19.19 -5.48 46.66
C SER D 80 18.98 -5.94 45.20
N GLU D 81 17.72 -5.97 44.75
CA GLU D 81 17.37 -6.32 43.36
C GLU D 81 17.03 -5.08 42.48
N ASP D 82 17.24 -3.88 43.02
CA ASP D 82 17.07 -2.62 42.29
C ASP D 82 18.37 -1.81 42.27
N ILE D 83 19.45 -2.47 41.86
CA ILE D 83 20.76 -1.83 41.70
C ILE D 83 21.19 -2.08 40.25
N ALA D 84 20.89 -1.11 39.40
CA ALA D 84 21.00 -1.28 37.94
C ALA D 84 21.05 0.07 37.23
N ASP D 85 21.26 0.01 35.91
CA ASP D 85 21.18 1.19 35.03
C ASP D 85 19.80 1.26 34.39
N TYR D 86 19.23 2.47 34.38
CA TYR D 86 17.89 2.70 33.83
C TYR D 86 17.93 3.65 32.63
N TYR D 87 17.49 3.16 31.47
CA TYR D 87 17.48 3.92 30.22
C TYR D 87 16.06 4.20 29.76
N CYS D 88 15.81 5.45 29.37
CA CYS D 88 14.53 5.85 28.77
C CYS D 88 14.66 5.92 27.24
N GLN D 89 13.73 5.26 26.55
CA GLN D 89 13.66 5.25 25.08
C GLN D 89 12.37 5.91 24.61
N GLN D 90 12.46 6.74 23.58
CA GLN D 90 11.28 7.31 22.91
C GLN D 90 10.98 6.52 21.63
N SER D 91 9.69 6.26 21.37
CA SER D 91 9.24 5.55 20.17
C SER D 91 8.25 6.42 19.37
N ASN D 92 8.55 7.71 19.27
CA ASN D 92 7.66 8.69 18.65
C ASN D 92 7.99 8.93 17.17
N SER D 93 9.25 9.27 16.90
CA SER D 93 9.73 9.55 15.55
C SER D 93 11.05 8.81 15.30
N TRP D 94 11.17 8.19 14.12
CA TRP D 94 12.32 7.35 13.78
C TRP D 94 13.38 8.46 13.65
N PRO D 95 14.63 8.05 14.36
CA PRO D 95 15.17 6.69 14.73
C PRO D 95 14.92 6.82 16.23
N TYR D 96 14.91 5.71 16.94
CA TYR D 96 14.58 5.78 18.36
C TYR D 96 15.89 6.06 19.06
N THR D 97 15.82 6.88 20.10
CA THR D 97 17.02 7.37 20.77
C THR D 97 16.88 7.08 22.26
N PHE D 98 17.86 6.39 22.81
CA PHE D 98 17.90 6.08 24.23
C PHE D 98 18.50 7.26 24.99
N GLY D 99 18.25 7.30 26.29
CA GLY D 99 18.86 8.29 27.18
C GLY D 99 20.30 7.96 27.49
N GLY D 100 20.88 8.77 28.38
CA GLY D 100 22.26 8.56 28.85
C GLY D 100 22.40 7.36 29.77
N GLY D 101 21.44 7.22 30.68
CA GLY D 101 21.40 6.10 31.64
C GLY D 101 21.72 6.56 33.04
N THR D 102 20.88 6.17 34.00
CA THR D 102 21.07 6.52 35.42
C THR D 102 21.41 5.27 36.24
N LYS D 103 22.59 5.28 36.85
CA LYS D 103 23.03 4.21 37.74
C LYS D 103 22.70 4.54 39.20
N LEU D 104 22.31 3.51 39.95
CA LEU D 104 22.01 3.63 41.39
C LEU D 104 23.18 3.18 42.26
N GLU D 105 23.10 3.54 43.54
CA GLU D 105 24.14 3.25 44.53
C GLU D 105 23.53 3.13 45.93
N ILE D 106 24.07 2.20 46.73
CA ILE D 106 23.66 2.01 48.11
C ILE D 106 24.54 2.86 49.02
N GLU E 1 5.82 -19.19 24.70
CA GLU E 1 7.15 -18.70 25.18
C GLU E 1 8.08 -18.38 24.01
N VAL E 2 8.43 -17.10 23.88
CA VAL E 2 9.36 -16.63 22.85
C VAL E 2 10.75 -16.50 23.48
N GLN E 3 11.77 -16.92 22.75
CA GLN E 3 13.17 -16.72 23.12
C GLN E 3 14.03 -16.47 21.89
N LEU E 4 14.90 -15.46 21.97
CA LEU E 4 15.79 -15.08 20.88
C LEU E 4 17.23 -15.50 21.21
N GLN E 5 17.63 -16.65 20.68
CA GLN E 5 18.96 -17.21 20.91
C GLN E 5 19.95 -16.59 19.92
N GLN E 6 20.98 -15.92 20.44
CA GLN E 6 21.95 -15.19 19.64
C GLN E 6 23.33 -15.86 19.66
N SER E 7 24.12 -15.59 18.63
CA SER E 7 25.46 -16.19 18.48
C SER E 7 26.48 -15.70 19.53
N GLY E 8 27.58 -16.44 19.63
CA GLY E 8 28.62 -16.19 20.63
C GLY E 8 29.62 -15.11 20.25
N PRO E 9 30.68 -14.92 21.07
CA PRO E 9 31.69 -13.86 20.85
C PRO E 9 32.43 -13.96 19.52
N GLU E 10 32.93 -12.82 19.04
CA GLU E 10 33.59 -12.71 17.73
C GLU E 10 34.84 -11.83 17.81
N LEU E 11 35.99 -12.49 17.92
CA LEU E 11 37.30 -11.83 17.94
C LEU E 11 37.81 -11.69 16.50
N VAL E 12 37.94 -10.44 16.04
CA VAL E 12 38.25 -10.13 14.64
C VAL E 12 39.34 -9.07 14.50
N LYS E 13 39.80 -8.88 13.26
CA LYS E 13 40.84 -7.90 12.92
C LYS E 13 40.26 -6.65 12.24
N PRO E 14 41.01 -5.52 12.22
CA PRO E 14 40.49 -4.30 11.59
C PRO E 14 40.40 -4.36 10.07
N GLY E 15 39.38 -3.71 9.51
CA GLY E 15 39.14 -3.67 8.06
C GLY E 15 38.29 -4.79 7.47
N ALA E 16 38.10 -5.87 8.23
CA ALA E 16 37.36 -7.04 7.79
C ALA E 16 35.85 -6.83 7.90
N SER E 17 35.09 -7.85 7.51
CA SER E 17 33.63 -7.89 7.71
C SER E 17 33.23 -9.03 8.65
N VAL E 18 32.11 -8.84 9.35
CA VAL E 18 31.63 -9.79 10.36
C VAL E 18 30.12 -10.01 10.20
N LYS E 19 29.69 -11.26 10.42
CA LYS E 19 28.30 -11.67 10.27
C LYS E 19 27.77 -12.17 11.61
N MET E 20 26.58 -11.72 12.01
CA MET E 20 25.94 -12.15 13.27
C MET E 20 24.61 -12.82 12.99
N SER E 21 24.23 -13.74 13.88
CA SER E 21 22.99 -14.52 13.76
C SER E 21 22.18 -14.47 15.06
N CYS E 22 20.87 -14.23 14.91
CA CYS E 22 19.92 -14.24 16.03
C CYS E 22 18.76 -15.18 15.67
N LYS E 23 18.88 -16.44 16.06
CA LYS E 23 17.88 -17.46 15.76
C LYS E 23 16.60 -17.26 16.58
N ALA E 24 15.58 -16.70 15.93
CA ALA E 24 14.27 -16.51 16.53
C ALA E 24 13.53 -17.85 16.60
N SER E 25 12.91 -18.13 17.75
CA SER E 25 12.18 -19.38 17.95
C SER E 25 11.11 -19.24 19.05
N GLY E 26 9.96 -19.87 18.82
CA GLY E 26 8.82 -19.82 19.75
C GLY E 26 7.60 -19.03 19.30
N TYR E 27 7.62 -18.53 18.06
CA TYR E 27 6.50 -17.77 17.50
C TYR E 27 6.51 -17.82 15.97
N SER E 28 5.46 -17.27 15.36
CA SER E 28 5.39 -17.11 13.90
C SER E 28 6.43 -16.07 13.45
N PHE E 29 7.59 -16.58 13.04
CA PHE E 29 8.76 -15.75 12.68
C PHE E 29 8.50 -14.65 11.66
N THR E 30 7.61 -14.93 10.70
CA THR E 30 7.37 -14.04 9.56
C THR E 30 6.35 -12.89 9.81
N GLY E 31 5.86 -12.76 11.05
CA GLY E 31 4.84 -11.77 11.40
C GLY E 31 5.34 -10.43 11.91
N TYR E 32 6.38 -10.46 12.76
CA TYR E 32 6.90 -9.27 13.44
C TYR E 32 8.24 -8.83 12.87
N PHE E 33 8.59 -7.55 13.06
CA PHE E 33 9.90 -7.02 12.66
C PHE E 33 11.02 -7.62 13.50
N MET E 34 12.25 -7.45 13.02
CA MET E 34 13.46 -7.87 13.72
C MET E 34 14.42 -6.69 13.84
N ASN E 35 14.29 -5.94 14.93
CA ASN E 35 15.12 -4.75 15.15
C ASN E 35 16.50 -5.16 15.67
N TRP E 36 17.44 -4.22 15.58
CA TRP E 36 18.80 -4.41 16.14
C TRP E 36 19.24 -3.19 16.92
N VAL E 37 19.99 -3.44 18.00
CA VAL E 37 20.42 -2.39 18.93
C VAL E 37 21.91 -2.58 19.23
N LYS E 38 22.64 -1.48 19.32
CA LYS E 38 24.07 -1.47 19.69
C LYS E 38 24.25 -0.84 21.06
N GLN E 39 25.02 -1.52 21.92
CA GLN E 39 25.45 -0.97 23.22
C GLN E 39 26.97 -0.87 23.25
N SER E 40 27.48 0.36 23.11
CA SER E 40 28.92 0.64 23.15
C SER E 40 29.48 0.52 24.57
N HIS E 41 30.81 0.64 24.68
CA HIS E 41 31.47 0.75 25.97
C HIS E 41 31.20 2.14 26.55
N GLY E 42 30.82 2.17 27.83
CA GLY E 42 30.23 3.35 28.47
C GLY E 42 28.73 3.19 28.72
N LYS E 43 28.11 2.23 28.00
CA LYS E 43 26.71 1.83 28.19
C LYS E 43 25.75 2.94 27.72
N SER E 44 25.75 3.17 26.41
CA SER E 44 24.86 4.11 25.75
C SER E 44 24.24 3.45 24.52
N LEU E 45 22.98 3.06 24.63
CA LEU E 45 22.28 2.29 23.59
C LEU E 45 21.97 3.14 22.34
N GLU E 46 22.07 2.49 21.18
CA GLU E 46 21.77 3.12 19.87
C GLU E 46 21.01 2.15 18.98
N TRP E 47 20.06 2.68 18.21
CA TRP E 47 19.18 1.89 17.34
C TRP E 47 19.79 1.79 15.94
N ILE E 48 20.03 0.57 15.47
CA ILE E 48 20.65 0.32 14.17
C ILE E 48 19.61 0.35 13.06
N GLY E 49 18.65 -0.57 13.12
CA GLY E 49 17.61 -0.68 12.10
C GLY E 49 16.75 -1.91 12.27
N ARG E 50 15.81 -2.09 11.34
CA ARG E 50 14.87 -3.22 11.35
C ARG E 50 14.89 -3.95 10.00
N ILE E 51 14.20 -5.09 9.98
CA ILE E 51 14.01 -5.88 8.75
C ILE E 51 12.68 -6.66 8.83
N ASN E 52 11.81 -6.45 7.85
CA ASN E 52 10.57 -7.22 7.74
C ASN E 52 10.93 -8.62 7.24
N PRO E 53 10.70 -9.67 8.05
CA PRO E 53 11.12 -11.02 7.61
C PRO E 53 10.38 -11.58 6.40
N TYR E 54 9.13 -11.15 6.18
CA TYR E 54 8.33 -11.64 5.04
C TYR E 54 8.91 -11.23 3.68
N ASN E 55 9.04 -9.93 3.45
CA ASN E 55 9.62 -9.40 2.23
C ASN E 55 11.15 -9.40 2.32
N GLY E 56 11.64 -8.68 3.33
CA GLY E 56 13.07 -8.32 3.45
C GLY E 56 13.36 -6.84 3.34
N ASP E 57 12.31 -5.99 3.34
CA ASP E 57 12.46 -4.54 3.27
C ASP E 57 13.03 -4.00 4.59
N THR E 58 14.32 -3.65 4.55
CA THR E 58 15.02 -3.08 5.69
C THR E 58 14.73 -1.59 5.82
N PHE E 59 15.09 -1.03 6.97
CA PHE E 59 14.92 0.40 7.26
C PHE E 59 15.92 0.83 8.34
N TYR E 60 17.03 1.41 7.91
CA TYR E 60 18.15 1.72 8.79
C TYR E 60 18.08 3.10 9.42
N ASN E 61 18.77 3.23 10.55
CA ASN E 61 19.16 4.52 11.11
C ASN E 61 20.28 5.06 10.22
N GLN E 62 20.27 6.37 10.02
CA GLN E 62 21.11 7.04 9.02
C GLN E 62 22.61 6.82 9.26
N LYS E 63 23.02 6.89 10.53
CA LYS E 63 24.40 6.63 10.95
C LYS E 63 24.92 5.25 10.53
N PHE E 64 24.07 4.23 10.69
CA PHE E 64 24.44 2.83 10.37
C PHE E 64 23.98 2.37 8.97
N LYS E 65 23.70 3.32 8.07
CA LYS E 65 23.22 2.99 6.72
C LYS E 65 24.27 2.32 5.86
N GLY E 66 25.51 2.81 5.95
CA GLY E 66 26.63 2.28 5.18
C GLY E 66 27.19 0.96 5.67
N LYS E 67 27.46 0.89 6.98
CA LYS E 67 28.22 -0.23 7.58
C LYS E 67 27.39 -1.25 8.37
N ALA E 68 26.11 -1.38 8.05
CA ALA E 68 25.24 -2.42 8.60
C ALA E 68 24.22 -2.82 7.55
N THR E 69 24.21 -4.10 7.19
CA THR E 69 23.28 -4.64 6.19
C THR E 69 22.55 -5.85 6.78
N LEU E 70 21.25 -5.68 7.04
CA LEU E 70 20.43 -6.71 7.64
C LEU E 70 19.89 -7.64 6.57
N THR E 71 20.06 -8.95 6.79
CA THR E 71 19.49 -9.97 5.90
C THR E 71 18.76 -11.01 6.75
N VAL E 72 17.89 -11.80 6.11
CA VAL E 72 17.04 -12.76 6.81
C VAL E 72 17.06 -14.12 6.12
N ASP E 73 16.86 -15.18 6.90
CA ASP E 73 16.80 -16.56 6.43
C ASP E 73 15.49 -17.19 6.93
N LYS E 74 14.43 -17.05 6.14
CA LYS E 74 13.09 -17.58 6.50
C LYS E 74 13.03 -19.09 6.74
N SER E 75 13.85 -19.85 6.02
CA SER E 75 13.87 -21.32 6.11
C SER E 75 14.27 -21.84 7.48
N SER E 76 15.35 -21.29 8.04
CA SER E 76 15.93 -21.73 9.32
C SER E 76 15.57 -20.84 10.53
N ARG E 77 14.70 -19.85 10.33
CA ARG E 77 14.33 -18.86 11.37
C ARG E 77 15.54 -18.15 12.00
N THR E 78 16.25 -17.40 11.16
CA THR E 78 17.49 -16.71 11.55
C THR E 78 17.56 -15.34 10.88
N ALA E 79 17.79 -14.31 11.68
CA ALA E 79 18.02 -12.95 11.20
C ALA E 79 19.51 -12.61 11.31
N HIS E 80 20.06 -12.05 10.23
CA HIS E 80 21.49 -11.74 10.14
C HIS E 80 21.76 -10.25 10.08
N MET E 81 22.94 -9.88 10.58
CA MET E 81 23.51 -8.54 10.40
C MET E 81 24.97 -8.68 10.01
N GLU E 82 25.36 -7.97 8.94
CA GLU E 82 26.73 -7.97 8.43
C GLU E 82 27.36 -6.58 8.61
N LEU E 83 28.35 -6.51 9.51
CA LEU E 83 29.14 -5.29 9.70
C LEU E 83 30.33 -5.33 8.74
N ARG E 84 30.61 -4.19 8.10
CA ARG E 84 31.66 -4.07 7.08
C ARG E 84 32.54 -2.85 7.34
N SER E 85 33.84 -2.99 7.00
CA SER E 85 34.84 -1.94 7.20
C SER E 85 34.93 -1.52 8.68
N LEU E 86 35.23 -2.49 9.53
CA LEU E 86 35.29 -2.28 10.97
C LEU E 86 36.48 -1.40 11.38
N THR E 87 36.23 -0.56 12.38
CA THR E 87 37.23 0.34 12.95
C THR E 87 37.27 0.09 14.47
N SER E 88 38.12 0.84 15.18
CA SER E 88 38.29 0.68 16.63
C SER E 88 37.03 0.97 17.46
N ALA E 89 36.14 1.80 16.93
CA ALA E 89 34.86 2.16 17.57
C ALA E 89 33.66 1.23 17.27
N ASP E 90 33.92 -0.01 16.88
CA ASP E 90 32.86 -1.03 16.70
C ASP E 90 32.96 -2.21 17.68
N SER E 91 33.77 -2.05 18.74
CA SER E 91 33.86 -3.04 19.82
C SER E 91 32.70 -2.80 20.80
N ALA E 92 31.61 -3.55 20.62
CA ALA E 92 30.35 -3.28 21.32
C ALA E 92 29.43 -4.49 21.29
N LEU E 93 28.51 -4.54 22.26
CA LEU E 93 27.42 -5.53 22.26
C LEU E 93 26.39 -5.17 21.20
N TYR E 94 25.79 -6.20 20.61
CA TYR E 94 24.70 -6.05 19.65
C TYR E 94 23.53 -6.95 20.04
N PHE E 95 22.39 -6.34 20.35
CA PHE E 95 21.16 -7.05 20.70
C PHE E 95 20.22 -7.11 19.51
N CYS E 96 19.52 -8.24 19.40
CA CYS E 96 18.38 -8.38 18.49
C CYS E 96 17.12 -8.29 19.35
N VAL E 97 16.30 -7.27 19.08
CA VAL E 97 15.12 -6.97 19.89
C VAL E 97 13.83 -7.00 19.05
N ARG E 98 12.73 -7.42 19.69
CA ARG E 98 11.42 -7.56 19.06
C ARG E 98 10.32 -7.09 20.02
N ARG E 99 9.23 -6.59 19.44
CA ARG E 99 8.08 -6.07 20.21
C ARG E 99 7.27 -7.22 20.81
N GLY E 100 6.45 -6.89 21.83
CA GLY E 100 5.51 -7.84 22.43
C GLY E 100 4.42 -8.37 21.50
N GLU E 101 3.66 -9.35 22.00
CA GLU E 101 2.66 -10.07 21.21
C GLU E 101 1.46 -9.20 20.84
N ASP E 102 0.79 -8.65 21.86
CA ASP E 102 -0.42 -7.86 21.67
C ASP E 102 -0.09 -6.47 21.14
N TYR E 103 -1.11 -5.78 20.64
CA TYR E 103 -0.95 -4.42 20.12
C TYR E 103 -0.72 -3.44 21.28
N GLY E 104 0.19 -2.50 21.06
CA GLY E 104 0.53 -1.47 22.05
C GLY E 104 1.60 -1.82 23.07
N SER E 105 2.31 -2.93 22.86
CA SER E 105 3.43 -3.31 23.73
C SER E 105 4.71 -2.64 23.25
N SER E 106 5.69 -2.52 24.15
CA SER E 106 7.03 -2.06 23.79
C SER E 106 7.98 -3.27 23.75
N TYR E 107 9.27 -3.00 23.57
CA TYR E 107 10.24 -4.04 23.21
C TYR E 107 10.64 -4.91 24.40
N ASN E 108 9.87 -5.98 24.61
CA ASN E 108 10.05 -6.91 25.73
C ASN E 108 11.20 -7.89 25.52
N TYR E 109 11.20 -8.54 24.37
CA TYR E 109 12.11 -9.65 24.09
C TYR E 109 13.41 -9.20 23.45
N TRP E 110 14.47 -9.19 24.26
CA TRP E 110 15.83 -8.90 23.80
C TRP E 110 16.62 -10.19 23.67
N GLY E 111 17.70 -10.14 22.90
CA GLY E 111 18.64 -11.26 22.79
C GLY E 111 19.54 -11.38 24.01
N GLN E 112 20.82 -11.69 23.77
CA GLN E 112 21.81 -11.84 24.86
C GLN E 112 23.19 -11.18 24.64
N GLY E 113 23.43 -10.63 23.44
CA GLY E 113 24.65 -9.88 23.15
C GLY E 113 25.70 -10.69 22.40
N THR E 114 26.27 -10.06 21.38
CA THR E 114 27.39 -10.59 20.59
C THR E 114 28.57 -9.64 20.76
N THR E 115 29.49 -10.01 21.65
CA THR E 115 30.59 -9.13 22.06
C THR E 115 31.68 -9.07 20.99
N VAL E 116 31.44 -8.25 19.97
CA VAL E 116 32.38 -8.04 18.87
C VAL E 116 33.64 -7.34 19.41
N THR E 117 34.80 -7.82 18.96
CA THR E 117 36.10 -7.31 19.40
C THR E 117 37.00 -7.04 18.19
N VAL E 118 37.20 -5.77 17.88
CA VAL E 118 38.11 -5.35 16.81
C VAL E 118 39.54 -5.28 17.38
CAA Y01 F . -11.25 -34.32 -7.03
CBA Y01 F . -10.82 -33.31 -5.94
CAB Y01 F . -10.00 -32.16 -6.49
CAN Y01 F . -10.02 -34.05 -4.76
CAJ Y01 F . -10.14 -33.21 -3.41
CAO Y01 F . -8.74 -32.85 -2.80
CBB Y01 F . -8.79 -31.42 -2.03
CAC Y01 F . -9.96 -31.47 -0.93
CBE Y01 F . -7.58 -31.02 -1.46
CAP Y01 F . -6.19 -31.82 -1.92
CAQ Y01 F . -4.99 -30.76 -1.68
CBG Y01 F . -5.71 -29.38 -1.18
CBI Y01 F . -7.14 -29.41 -1.82
CAE Y01 F . -7.01 -29.32 -3.40
CAU Y01 F . -7.91 -28.31 -1.41
CAS Y01 F . -7.14 -26.88 -1.62
CBF Y01 F . -5.81 -26.83 -0.81
CBD Y01 F . -4.93 -28.01 -1.11
CAK Y01 F . -3.96 -27.76 -2.42
CAI Y01 F . -3.03 -26.62 -2.16
CAZ Y01 F . -3.54 -25.48 -1.03
CAV Y01 F . -2.64 -24.25 -0.67
CBH Y01 F . -4.99 -25.28 -0.89
CAD Y01 F . -5.43 -24.40 -2.13
CAT Y01 F . -5.37 -24.48 0.39
CAR Y01 F . -4.46 -23.26 0.68
CBC Y01 F . -3.04 -23.69 0.72
OAW Y01 F . -2.17 -22.64 1.21
CAY Y01 F . -1.75 -21.53 0.37
OAG Y01 F . -2.43 -21.14 -0.53
CAM Y01 F . -0.38 -20.83 0.66
CAL Y01 F . -0.44 -19.36 0.29
CAX Y01 F . 0.83 -18.64 0.66
OAH Y01 F . 0.90 -17.38 0.53
OAF Y01 F . 1.83 -19.26 1.11
CAA Y01 G . -5.74 -31.51 -6.82
CBA Y01 G . -5.12 -30.16 -6.38
CAB Y01 G . -5.90 -28.95 -6.87
CAN Y01 G . -3.58 -30.05 -6.76
CAJ Y01 G . -2.69 -30.18 -5.45
CAO Y01 G . -1.88 -31.52 -5.52
CBB Y01 G . -0.54 -31.56 -6.44
CAC Y01 G . -0.13 -30.16 -7.12
CBE Y01 G . 0.58 -32.08 -5.82
CAP Y01 G . 0.85 -31.77 -4.19
CAQ Y01 G . 1.86 -32.94 -3.76
CBG Y01 G . 2.06 -33.87 -5.07
CBI Y01 G . 0.73 -33.79 -5.86
CAE Y01 G . -0.43 -34.45 -4.98
CAU Y01 G . 0.75 -34.48 -7.08
CAS Y01 G . 1.49 -35.95 -6.99
CBF Y01 G . 2.90 -35.81 -6.37
CBD Y01 G . 2.79 -35.25 -4.99
CAK Y01 G . 2.11 -36.30 -3.92
CAI Y01 G . 2.82 -37.61 -3.94
CAZ Y01 G . 3.26 -38.25 -5.44
CAV Y01 G . 4.05 -39.57 -5.37
CBH Y01 G . 3.82 -37.27 -6.39
CAD Y01 G . 3.82 -37.82 -7.86
CAT Y01 G . 5.30 -36.97 -6.03
CAR Y01 G . 6.21 -38.21 -5.87
CBC Y01 G . 5.58 -39.37 -5.16
OAW Y01 G . 6.19 -40.64 -5.49
CAY Y01 G . 6.59 -40.95 -6.85
OAG Y01 G . 5.80 -40.93 -7.74
CAM Y01 G . 8.07 -41.32 -7.15
CAL Y01 G . 8.73 -41.93 -5.92
CAX Y01 G . 9.43 -40.87 -5.10
OAH Y01 G . 8.79 -39.91 -4.60
OAF Y01 G . 10.66 -40.95 -4.90
CAA Y01 H . -11.37 -28.84 -7.60
CBA Y01 H . -11.72 -27.63 -6.68
CAB Y01 H . -12.80 -27.96 -5.67
CAN Y01 H . -12.08 -26.25 -7.43
CAJ Y01 H . -12.87 -26.41 -8.79
CAO Y01 H . -14.43 -26.58 -8.67
CBB Y01 H . -15.02 -26.28 -10.16
CAC Y01 H . -14.22 -27.18 -11.22
CBE Y01 H . -16.37 -26.49 -10.30
CAP Y01 H . -17.43 -25.93 -9.14
CAQ Y01 H . -18.84 -25.84 -9.96
CBG Y01 H . -18.46 -26.20 -11.51
CBI Y01 H . -17.00 -25.71 -11.68
CAE Y01 H . -16.94 -24.12 -11.45
CAU Y01 H . -16.43 -25.94 -12.96
CAS Y01 H . -17.40 -25.65 -14.22
CBF Y01 H . -18.68 -26.48 -14.03
CBD Y01 H . -19.36 -26.03 -12.78
CAK Y01 H . -19.91 -24.48 -12.95
CAI Y01 H . -20.74 -24.33 -14.19
CAZ Y01 H . -20.14 -25.03 -15.61
CAV Y01 H . -21.04 -24.80 -16.85
CBH Y01 H . -19.69 -26.41 -15.43
CAD Y01 H . -18.87 -26.95 -16.65
CAT Y01 H . -20.94 -27.31 -15.29
CAR Y01 H . -21.96 -27.20 -16.46
CBC Y01 H . -22.17 -25.85 -17.04
OAW Y01 H . -22.47 -25.93 -18.47
CAY Y01 H . -21.61 -26.67 -19.36
OAG Y01 H . -20.45 -26.47 -19.40
CAM Y01 H . -22.26 -27.76 -20.29
CAL Y01 H . -21.27 -28.28 -21.32
CAX Y01 H . -20.38 -29.33 -20.71
OAH Y01 H . -19.19 -29.04 -20.38
OAF Y01 H . -20.82 -30.49 -20.52
CAA Y01 I . -7.79 -31.39 -11.77
CBA Y01 I . -7.23 -29.97 -11.99
CAB Y01 I . -7.46 -29.51 -13.43
CAN Y01 I . -5.70 -29.68 -11.57
CAJ Y01 I . -4.94 -30.65 -10.53
CAO Y01 I . -3.49 -30.98 -11.03
CBB Y01 I . -3.39 -32.54 -11.50
CAC Y01 I . -4.39 -32.74 -12.74
CBE Y01 I . -2.08 -32.88 -11.80
CAP Y01 I . -1.12 -32.79 -10.45
CAQ Y01 I . -0.13 -34.07 -10.50
CBG Y01 I . -0.23 -34.62 -12.03
CBI Y01 I . -1.74 -34.46 -12.39
CAE Y01 I . -2.57 -35.50 -11.48
CAU Y01 I . -1.97 -34.82 -13.72
CAS Y01 I . -1.39 -36.27 -14.17
CBF Y01 I . 0.12 -36.45 -13.87
CBD Y01 I . 0.56 -35.88 -12.54
CAK Y01 I . 0.68 -37.04 -11.36
CAI Y01 I . 1.73 -38.02 -11.74
CAZ Y01 I . 1.77 -38.50 -13.36
CAV Y01 I . 3.08 -38.94 -14.08
CBH Y01 I . 0.65 -38.08 -14.21
CAD Y01 I . -0.44 -39.18 -13.93
CAT Y01 I . 1.00 -38.14 -15.73
CAR Y01 I . 1.69 -39.45 -16.17
CBC Y01 I . 2.87 -39.81 -15.35
OAW Y01 I . 2.75 -41.19 -14.94
CAY Y01 I . 3.47 -42.13 -15.77
OAG Y01 I . 2.96 -42.56 -16.75
CAM Y01 I . 4.90 -42.57 -15.35
CAL Y01 I . 5.02 -44.09 -15.36
CAX Y01 I . 6.20 -44.55 -14.56
OAH Y01 I . 7.26 -43.86 -14.51
OAF Y01 I . 6.15 -45.63 -13.94
CAA Y01 J . -11.90 -8.88 -18.67
CBA Y01 J . -12.77 -7.61 -18.88
CAB Y01 J . -11.93 -6.44 -19.36
CAN Y01 J . -13.95 -7.90 -19.91
CAJ Y01 J . -15.04 -8.86 -19.26
CAO Y01 J . -16.33 -8.06 -18.81
CBB Y01 J . -17.63 -9.04 -18.69
CAC Y01 J . -17.23 -10.31 -17.77
CBE Y01 J . -18.79 -8.45 -18.20
CAP Y01 J . -18.81 -6.79 -17.93
CAQ Y01 J . -20.40 -6.44 -17.92
CBG Y01 J . -21.20 -7.79 -18.38
CBI Y01 J . -20.14 -8.58 -19.22
CAE Y01 J . -19.79 -7.78 -20.56
CAU Y01 J . -20.61 -9.84 -19.60
CAS Y01 J . -22.10 -9.82 -20.27
CBF Y01 J . -23.18 -9.16 -19.40
CBD Y01 J . -22.69 -7.82 -18.87
CAK Y01 J . -22.97 -6.56 -19.90
CAI Y01 J . -24.42 -6.47 -20.23
CAZ Y01 J . -25.16 -7.87 -20.79
CAV Y01 J . -26.67 -7.75 -21.17
CBH Y01 J . -24.77 -9.14 -20.14
CAD Y01 J . -24.92 -10.27 -21.22
CAT Y01 J . -25.78 -9.48 -19.01
CAR Y01 J . -27.28 -9.43 -19.41
CBC Y01 J . -27.64 -8.13 -20.02
OAW Y01 J . -29.02 -8.09 -20.48
CAY Y01 J . -29.58 -9.21 -21.23
OAG Y01 J . -29.10 -9.56 -22.26
CAM Y01 J . -30.85 -9.93 -20.67
CAL Y01 J . -30.79 -11.43 -20.93
CAX Y01 J . -31.97 -12.11 -20.30
OAH Y01 J . -32.07 -12.15 -19.05
OAF Y01 J . -32.86 -12.61 -21.02
C01 AJP K . -18.70 -13.42 -12.08
C02 AJP K . -17.36 -12.01 -12.27
C03 AJP K . -16.89 -11.85 -11.28
C04 AJP K . -15.73 -10.93 -11.34
C05 AJP K . -15.00 -11.00 -12.31
C06 AJP K . -14.02 -9.78 -12.60
C07 AJP K . -12.78 -10.39 -12.94
C08 AJP K . -13.01 -12.16 -12.01
O09 AJP K . -13.96 -12.43 -12.02
C10 AJP K . -12.13 -12.89 -12.66
C11 AJP K . -10.88 -11.78 -13.03
C12 AJP K . -11.60 -10.14 -12.72
C13 AJP K . -10.88 -9.12 -13.43
C14 AJP K . -9.31 -9.12 -13.28
C15 AJP K . -8.58 -10.62 -13.21
C16 AJP K . -9.52 -11.97 -12.58
C17 AJP K . -8.92 -13.27 -12.91
C18 AJP K . -7.48 -13.17 -13.59
C19 AJP K . -6.51 -11.93 -13.14
C20 AJP K . -7.25 -10.65 -12.58
C21 AJP K . -6.24 -9.48 -12.89
C22 AJP K . -4.82 -9.71 -12.27
C23 AJP K . -4.29 -11.19 -12.25
C24 AJP K . -5.36 -12.36 -12.26
O25 AJP K . -3.59 -11.45 -11.09
C26 AJP K . -2.29 -11.01 -10.96
C27 AJP K . -1.33 -11.64 -12.00
C28 AJP K . -0.45 -12.66 -11.42
C29 AJP K . 0.38 -12.14 -10.33
C30 AJP K . -0.51 -11.41 -9.29
O31 AJP K . -1.95 -11.43 -9.59
C32 AJP K . -0.34 -12.03 -7.93
O33 AJP K . 0.97 -11.82 -7.46
O34 AJP K . 1.42 -11.29 -10.99
C35 AJP K . 2.19 -10.57 -10.09
C36 AJP K . 3.12 -9.51 -10.71
C37 AJP K . 3.94 -9.09 -9.54
C38 AJP K . 4.98 -10.11 -9.23
C39 AJP K . 4.38 -11.54 -9.23
O40 AJP K . 2.92 -11.57 -9.23
C41 AJP K . 4.85 -12.35 -10.43
O42 AJP K . 4.94 -13.73 -10.06
O43 AJP K . 5.50 -9.84 -7.92
O44 AJP K . 4.43 -7.66 -9.62
C45 AJP K . 5.44 -7.37 -10.55
C46 AJP K . 6.69 -6.98 -9.76
C47 AJP K . 7.83 -6.76 -10.71
C48 AJP K . 7.45 -6.01 -11.93
C49 AJP K . 6.06 -5.35 -11.84
O50 AJP K . 4.98 -6.29 -11.42
O51 AJP K . 7.44 -6.90 -13.05
O52 AJP K . 8.89 -6.02 -9.98
O53 AJP K . 7.09 -7.99 -8.83
O54 AJP K . 2.41 -8.33 -11.31
C55 AJP K . 1.65 -8.58 -12.46
C56 AJP K . 2.35 -8.14 -13.76
C57 AJP K . 1.43 -8.36 -14.93
C58 AJP K . 0.21 -7.55 -14.82
C59 AJP K . -0.56 -7.83 -13.49
O60 AJP K . 0.33 -7.90 -12.29
C61 AJP K . -1.58 -6.76 -13.27
O62 AJP K . -2.24 -7.00 -12.06
O63 AJP K . -0.66 -7.86 -15.92
O64 AJP K . 2.13 -8.01 -16.19
O76 AJP K . 3.53 -8.91 -13.94
O77 AJP K . -1.36 -13.67 -10.90
O78 AJP K . -0.53 -10.65 -12.61
O79 AJP K . -3.92 -8.94 -13.00
C80 AJP K . -7.49 -10.74 -11.05
C81 AJP K . -11.31 -9.88 -11.19
O82 AJP K . -11.66 -13.93 -11.85
C83 AJP K . -14.04 -8.58 -11.53
O84 AJP K . -15.51 -11.23 -13.21
C85 AJP K . -16.60 -12.26 -13.15
C01 AJP L . -16.06 -5.66 -11.61
C02 AJP L . -17.44 -6.76 -12.49
C03 AJP L . -17.49 -7.77 -12.04
C04 AJP L . -18.79 -8.33 -11.62
C05 AJP L . -19.79 -7.90 -12.18
C06 AJP L . -20.42 -8.66 -13.44
C07 AJP L . -21.75 -8.17 -13.37
C08 AJP L . -21.98 -8.19 -11.39
O09 AJP L . -21.10 -8.05 -10.93
C10 AJP L . -22.97 -7.33 -11.25
C11 AJP L . -23.80 -7.38 -12.76
C12 AJP L . -22.83 -8.53 -13.79
C13 AJP L . -23.18 -8.46 -15.18
C14 AJP L . -24.72 -8.53 -15.51
C15 AJP L . -25.72 -7.65 -14.55
C16 AJP L . -25.25 -7.49 -12.87
C17 AJP L . -25.92 -6.35 -12.32
C18 AJP L . -27.50 -6.42 -12.45
C19 AJP L . -28.06 -7.00 -13.87
C20 AJP L . -27.13 -8.06 -14.60
C21 AJP L . -27.67 -8.13 -16.06
C22 AJP L . -29.20 -8.47 -16.19
C23 AJP L . -30.12 -8.19 -14.95
C24 AJP L . -29.49 -7.47 -13.67
O25 AJP L . -30.62 -9.41 -14.51
C26 AJP L . -31.99 -9.71 -14.51
C27 AJP L . -32.97 -8.52 -14.65
C28 AJP L . -34.38 -8.86 -14.33
C29 AJP L . -34.53 -9.55 -13.06
C30 AJP L . -33.65 -10.80 -12.99
O31 AJP L . -32.23 -10.46 -13.26
C32 AJP L . -33.73 -11.43 -11.63
O33 AJP L . -35.06 -11.78 -11.31
O34 AJP L . -35.96 -9.93 -12.92
O77 AJP L . -35.15 -7.60 -14.29
O78 AJP L . -33.00 -8.08 -16.02
O79 AJP L . -29.69 -7.74 -17.26
C80 AJP L . -27.27 -9.49 -13.98
C81 AJP L . -23.33 -9.93 -13.27
O82 AJP L . -23.80 -7.71 -10.19
C83 AJP L . -20.20 -10.24 -13.58
O84 AJP L . -19.76 -6.88 -12.36
C85 AJP L . -18.46 -6.13 -12.47
CAA Y01 M . -20.76 -17.16 3.41
CBA Y01 M . -21.60 -16.81 2.14
CAB Y01 M . -22.05 -15.36 2.12
CAN Y01 M . -22.83 -17.80 1.94
CAJ Y01 M . -23.73 -18.03 3.24
CAO Y01 M . -23.60 -19.50 3.79
CBB Y01 M . -25.06 -20.22 3.93
CAC Y01 M . -25.13 -21.46 2.92
CBE Y01 M . -25.35 -20.58 5.23
CAP Y01 M . -25.19 -19.31 6.29
CAQ Y01 M . -26.33 -19.48 7.41
CBG Y01 M . -27.01 -20.94 7.14
CBI Y01 M . -26.95 -21.11 5.59
CAE Y01 M . -27.95 -20.05 4.94
CAU Y01 M . -27.40 -22.39 5.21
CAS Y01 M . -28.87 -22.78 5.82
CBF Y01 M . -28.92 -22.71 7.37
CBD Y01 M . -28.30 -21.44 7.91
CAK Y01 M . -29.39 -20.21 8.07
CAI Y01 M . -30.47 -20.58 9.02
CAZ Y01 M . -30.87 -22.21 9.13
CAV Y01 M . -32.12 -22.62 9.96
CBH Y01 M . -30.49 -23.10 8.03
CAD Y01 M . -31.66 -23.01 6.96
CAT Y01 M . -30.47 -24.57 8.52
CAR Y01 M . -31.67 -25.01 9.41
CBC Y01 M . -32.01 -24.07 10.50
OAW Y01 M . -33.26 -24.50 11.09
CAY Y01 M . -33.90 -23.64 12.06
OAG Y01 M . -35.01 -23.29 11.88
CAM Y01 M . -33.14 -23.16 13.34
CAL Y01 M . -32.92 -21.65 13.35
CAX Y01 M . -33.19 -21.07 14.71
OAH Y01 M . -32.23 -20.85 15.49
OAF Y01 M . -34.36 -20.81 15.06
#